data_7C9Z
#
_entry.id   7C9Z
#
loop_
_entity.id
_entity.type
_entity.pdbx_description
1 polymer VP1
2 polymer VP2
3 polymer VP3
4 polymer VP4
5 non-polymer 'PALMITIC ACID'
6 non-polymer 'MYRISTIC ACID'
#
loop_
_entity_poly.entity_id
_entity_poly.type
_entity_poly.pdbx_seq_one_letter_code
_entity_poly.pdbx_strand_id
1 'polypeptide(L)'
;GPVEESVERAMVRVADTVSSKPTNSESIPALTAAETGHTSQVVPSDTMQTRHVKNYHSRSESSIENFLCRSACVYYATYN
NNSEKGYAEWVINTRQVAQLLRRKLEFTYLRFDLELTFVITSAQEPSTATSVDAPVQTQQIMYVPPGGPVPTKVTDYAWQ
TSTNPSVFWTEGNAPPRMSIPFISIGNAYSCFYDGWTQFSRNGVYGINTLNNMGTLYMRHVNEAGQGPIKSTVRIYFKPK
HVKAWVPRPPRLCQYEKQKNVNFNPTGVTTTRSNITTT
;
A
2 'polypeptide(L)'
;SPSAEECGYSDRVRSITLGNSTITTQECANVVVGYGVWPEYLKDNEATGEDQPTQPDVATCRFYTLESVQWMKNSAGWWW
KLPDALSQMGLFGQNMQYHYLGRTGYTIHVQCNASKFHQGCLLVVCVPEAEMGCSNLNNTPKFAELSGGDNARMFTDTEV
GTSNDKKVQTAVWNAGMGVGVGNLTIFPHQWINLRTNNSATIVMPYINSVPMDNMYRHNNLTLMIIPFVPLNYSEGSSPY
VPITVTIAPMCAEYNGLRLASSQ
;
B
3 'polypeptide(L)'
;GLPVMTTPGSTQFLTSDDFQSPSAMPQFDVTPEMQIPGRVNNLMEIAEVDSVVPVNNTDNNVNGLKAYQIPVQSNSDNRR
QVFGFPLQPGANNVLNRTLLGEILNYYTHWSGSIKLTFMFCGSAMATGKFLLAYSPPGAGVPKNRRDAMLGTHVIWDVGL
QSSCVLCVPWISQTHYRYVVEDEYTAAGYVTCWYQTNIIVPADVQSTCDILCFVSACNDFSVRMLKDTPFIRQDNFYQ
;
C
4 'polypeptide(L)' GAQVSTQKTGAHETGLNASGNSIIHYTNINYYKDAASNSANRQDFTQDPGKFTEPVKDIMIKSMPALN D
#
loop_
_chem_comp.id
_chem_comp.type
_chem_comp.name
_chem_comp.formula
MYR non-polymer 'MYRISTIC ACID' 'C14 H28 O2'
PLM non-polymer 'PALMITIC ACID' 'C16 H32 O2'
#
# COMPACT_ATOMS: atom_id res chain seq x y z
CA ARG A 13 -3.20 -9.96 -22.07
C ARG A 13 -4.29 -8.91 -21.90
N VAL A 14 -4.01 -7.71 -22.39
CA VAL A 14 -4.94 -6.59 -22.23
C VAL A 14 -6.09 -6.73 -23.21
N ALA A 15 -7.12 -5.91 -23.01
CA ALA A 15 -8.34 -6.03 -23.80
C ALA A 15 -8.28 -5.17 -25.06
N ASP A 16 -9.19 -5.46 -25.99
CA ASP A 16 -9.23 -4.79 -27.27
C ASP A 16 -9.94 -3.45 -27.15
N THR A 17 -10.25 -2.84 -28.29
CA THR A 17 -11.08 -1.65 -28.37
C THR A 17 -12.22 -1.95 -29.33
N VAL A 18 -13.24 -1.09 -29.35
CA VAL A 18 -14.42 -1.30 -30.18
C VAL A 18 -14.75 -0.02 -30.92
N SER A 19 -15.29 -0.17 -32.13
CA SER A 19 -15.60 0.97 -32.98
C SER A 19 -16.88 1.66 -32.51
N SER A 20 -16.81 2.99 -32.38
CA SER A 20 -17.93 3.78 -31.91
C SER A 20 -18.37 4.77 -32.97
N LYS A 21 -19.66 5.05 -33.00
CA LYS A 21 -20.23 6.00 -33.94
C LYS A 21 -20.82 7.18 -33.17
N PRO A 22 -21.16 8.27 -33.85
CA PRO A 22 -21.74 9.43 -33.14
C PRO A 22 -23.06 9.07 -32.48
N THR A 23 -23.30 9.66 -31.31
CA THR A 23 -24.50 9.40 -30.54
C THR A 23 -25.05 10.70 -29.98
N ASN A 24 -26.35 10.72 -29.73
CA ASN A 24 -27.00 11.87 -29.12
C ASN A 24 -28.01 11.45 -28.04
N SER A 25 -27.85 10.26 -27.49
CA SER A 25 -28.79 9.72 -26.51
C SER A 25 -28.46 10.28 -25.12
N GLU A 26 -29.06 9.69 -24.10
CA GLU A 26 -28.86 10.09 -22.71
C GLU A 26 -28.10 9.02 -21.93
N SER A 27 -27.09 8.41 -22.55
CA SER A 27 -26.32 7.37 -21.88
C SER A 27 -25.44 7.96 -20.78
N ILE A 28 -24.75 9.06 -21.08
CA ILE A 28 -23.84 9.79 -20.19
C ILE A 28 -22.96 8.86 -19.35
N PRO A 29 -22.04 8.12 -19.95
CA PRO A 29 -21.11 7.32 -19.12
C PRO A 29 -20.01 8.16 -18.48
N ALA A 30 -20.02 9.48 -18.66
CA ALA A 30 -18.98 10.33 -18.11
C ALA A 30 -19.29 10.80 -16.70
N LEU A 31 -20.42 11.49 -16.53
CA LEU A 31 -20.76 12.07 -15.23
C LEU A 31 -21.15 10.97 -14.25
N THR A 32 -20.48 10.95 -13.09
CA THR A 32 -20.79 10.01 -12.03
C THR A 32 -20.50 10.67 -10.69
N ALA A 33 -20.73 9.93 -9.61
CA ALA A 33 -20.47 10.41 -8.27
C ALA A 33 -19.27 9.66 -7.70
N ALA A 34 -18.36 10.40 -7.07
CA ALA A 34 -17.15 9.77 -6.54
C ALA A 34 -17.25 9.57 -5.03
N GLU A 35 -18.35 9.99 -4.43
CA GLU A 35 -18.54 9.84 -2.99
C GLU A 35 -18.73 8.38 -2.62
N THR A 36 -19.20 7.57 -3.55
CA THR A 36 -19.52 6.17 -3.29
C THR A 36 -18.29 5.29 -3.21
N GLY A 37 -17.09 5.86 -3.30
CA GLY A 37 -15.87 5.08 -3.23
C GLY A 37 -15.73 4.07 -4.34
N HIS A 38 -16.26 4.38 -5.52
CA HIS A 38 -16.26 3.47 -6.65
C HIS A 38 -15.46 4.10 -7.78
N THR A 39 -14.35 3.45 -8.16
CA THR A 39 -13.61 3.87 -9.33
C THR A 39 -14.43 3.63 -10.59
N SER A 40 -14.38 4.58 -11.51
CA SER A 40 -15.18 4.46 -12.72
C SER A 40 -14.67 3.31 -13.59
N GLN A 41 -15.40 3.02 -14.66
CA GLN A 41 -15.06 1.96 -15.60
C GLN A 41 -15.27 2.44 -17.03
N VAL A 42 -14.91 3.68 -17.29
CA VAL A 42 -15.06 4.30 -18.61
C VAL A 42 -13.83 3.96 -19.43
N VAL A 43 -14.06 3.52 -20.67
CA VAL A 43 -12.98 3.23 -21.60
C VAL A 43 -12.97 4.34 -22.64
N PRO A 44 -11.91 4.47 -23.44
CA PRO A 44 -11.84 5.61 -24.38
C PRO A 44 -12.92 5.56 -25.46
N SER A 45 -13.44 4.37 -25.78
CA SER A 45 -14.42 4.27 -26.85
C SER A 45 -15.79 4.75 -26.39
N ASP A 46 -15.95 5.00 -25.09
CA ASP A 46 -17.25 5.44 -24.58
C ASP A 46 -17.39 6.96 -24.70
N THR A 47 -16.30 7.69 -24.54
CA THR A 47 -16.40 9.15 -24.47
C THR A 47 -16.19 9.79 -25.83
N MET A 48 -15.53 9.09 -26.75
CA MET A 48 -15.29 9.62 -28.08
C MET A 48 -15.34 8.48 -29.09
N GLN A 49 -15.43 8.83 -30.36
CA GLN A 49 -15.45 7.82 -31.40
C GLN A 49 -14.04 7.43 -31.79
N THR A 50 -13.78 6.12 -31.79
CA THR A 50 -12.44 5.59 -32.02
C THR A 50 -12.50 4.46 -33.03
N ARG A 51 -11.35 3.89 -33.32
CA ARG A 51 -11.22 2.80 -34.29
C ARG A 51 -11.35 1.48 -33.55
N HIS A 52 -11.03 0.38 -34.24
CA HIS A 52 -10.98 -0.94 -33.63
C HIS A 52 -9.58 -1.50 -33.78
N VAL A 53 -8.87 -1.61 -32.66
CA VAL A 53 -7.51 -2.12 -32.63
C VAL A 53 -7.42 -3.18 -31.55
N LYS A 54 -6.95 -4.37 -31.92
CA LYS A 54 -6.87 -5.50 -31.00
C LYS A 54 -5.47 -5.51 -30.38
N ASN A 55 -5.41 -5.32 -29.06
CA ASN A 55 -4.15 -5.27 -28.37
C ASN A 55 -3.58 -6.67 -28.18
N TYR A 56 -2.27 -6.80 -28.37
CA TYR A 56 -1.57 -8.06 -28.22
C TYR A 56 -0.64 -8.07 -27.01
N HIS A 57 -0.71 -7.05 -26.16
CA HIS A 57 0.18 -6.97 -25.02
C HIS A 57 -0.17 -8.04 -24.00
N SER A 58 0.58 -8.07 -22.90
CA SER A 58 0.40 -9.05 -21.85
C SER A 58 0.91 -8.51 -20.54
N ARG A 59 0.11 -8.64 -19.48
CA ARG A 59 0.48 -8.20 -18.14
C ARG A 59 1.19 -9.36 -17.44
N SER A 60 2.47 -9.53 -17.75
CA SER A 60 3.25 -10.64 -17.22
C SER A 60 4.44 -10.19 -16.39
N GLU A 61 5.12 -9.11 -16.77
CA GLU A 61 6.27 -8.62 -16.03
C GLU A 61 5.89 -7.82 -14.79
N SER A 62 4.64 -7.88 -14.37
CA SER A 62 4.16 -7.08 -13.25
C SER A 62 3.51 -7.89 -12.14
N SER A 63 3.22 -9.17 -12.35
CA SER A 63 2.63 -9.97 -11.31
C SER A 63 3.60 -10.13 -10.15
N ILE A 64 3.05 -10.44 -8.97
CA ILE A 64 3.88 -10.51 -7.76
C ILE A 64 4.85 -11.67 -7.85
N GLU A 65 4.53 -12.71 -8.62
CA GLU A 65 5.45 -13.83 -8.77
C GLU A 65 6.72 -13.38 -9.49
N ASN A 66 6.58 -12.59 -10.55
CA ASN A 66 7.74 -12.11 -11.30
C ASN A 66 8.34 -10.84 -10.72
N PHE A 67 7.59 -10.12 -9.89
CA PHE A 67 8.05 -8.82 -9.40
C PHE A 67 8.97 -8.95 -8.20
N LEU A 68 8.78 -9.99 -7.38
CA LEU A 68 9.53 -10.11 -6.14
C LEU A 68 10.68 -11.10 -6.22
N CYS A 69 10.58 -12.12 -7.09
CA CYS A 69 11.53 -13.22 -7.06
C CYS A 69 12.89 -12.88 -7.67
N ARG A 70 13.56 -11.87 -7.13
CA ARG A 70 14.92 -11.54 -7.52
C ARG A 70 15.77 -11.36 -6.28
N SER A 71 17.01 -11.82 -6.34
CA SER A 71 17.88 -11.78 -5.18
C SER A 71 18.38 -10.36 -4.93
N ALA A 72 18.60 -10.04 -3.66
CA ALA A 72 19.09 -8.72 -3.27
C ALA A 72 19.93 -8.85 -2.01
N CYS A 73 20.84 -7.90 -1.83
CA CYS A 73 21.69 -7.90 -0.66
C CYS A 73 20.89 -7.58 0.60
N VAL A 74 21.30 -8.19 1.71
CA VAL A 74 20.60 -7.99 2.98
C VAL A 74 21.56 -7.49 4.06
N TYR A 75 22.72 -8.13 4.18
CA TYR A 75 23.66 -7.79 5.23
C TYR A 75 25.01 -8.44 4.98
N TYR A 76 26.10 -7.66 5.05
CA TYR A 76 27.44 -8.19 4.90
C TYR A 76 28.25 -7.92 6.16
N ALA A 77 28.65 -8.98 6.85
CA ALA A 77 29.41 -8.90 8.09
C ALA A 77 30.74 -9.58 7.89
N THR A 78 31.80 -8.99 8.45
CA THR A 78 33.16 -9.46 8.26
C THR A 78 33.72 -9.98 9.57
N TYR A 79 34.75 -10.82 9.48
CA TYR A 79 35.37 -11.44 10.63
C TYR A 79 36.85 -11.68 10.36
N ASN A 80 37.70 -11.09 11.19
CA ASN A 80 39.14 -11.26 11.01
C ASN A 80 39.59 -12.62 11.51
N ASN A 81 40.81 -13.00 11.12
CA ASN A 81 41.42 -14.27 11.48
C ASN A 81 42.47 -14.12 12.58
N ASN A 82 42.60 -12.94 13.17
CA ASN A 82 43.75 -12.65 14.02
C ASN A 82 43.70 -13.40 15.34
N SER A 83 42.61 -13.28 16.09
CA SER A 83 42.56 -13.69 17.48
C SER A 83 41.55 -14.80 17.69
N GLU A 84 41.31 -15.12 18.97
CA GLU A 84 40.39 -16.21 19.31
C GLU A 84 38.94 -15.76 19.23
N LYS A 85 38.70 -14.48 18.99
CA LYS A 85 37.36 -13.97 18.75
C LYS A 85 37.14 -13.54 17.30
N GLY A 86 37.67 -14.30 16.35
CA GLY A 86 37.57 -13.88 14.96
C GLY A 86 36.16 -13.95 14.42
N TYR A 87 35.40 -14.97 14.81
CA TYR A 87 34.06 -15.24 14.29
C TYR A 87 33.14 -14.03 14.36
N ALA A 88 32.12 -13.99 13.50
CA ALA A 88 31.15 -12.91 13.48
C ALA A 88 29.75 -13.51 13.35
N GLU A 89 28.77 -12.79 13.87
CA GLU A 89 27.39 -13.27 13.96
C GLU A 89 26.42 -12.19 13.53
N TRP A 90 25.19 -12.62 13.22
CA TRP A 90 24.16 -11.72 12.75
C TRP A 90 22.80 -12.27 13.17
N VAL A 91 21.90 -11.35 13.53
CA VAL A 91 20.53 -11.71 13.93
C VAL A 91 19.63 -11.52 12.71
N ILE A 92 18.79 -12.51 12.44
CA ILE A 92 18.01 -12.51 11.22
C ILE A 92 16.96 -11.40 11.26
N ASN A 93 16.80 -10.70 10.14
CA ASN A 93 15.74 -9.73 9.89
C ASN A 93 15.92 -9.22 8.47
N THR A 94 14.85 -8.66 7.91
CA THR A 94 14.89 -8.18 6.54
C THR A 94 14.86 -6.66 6.44
N ARG A 95 14.66 -5.95 7.54
CA ARG A 95 14.63 -4.49 7.53
C ARG A 95 15.98 -3.92 7.96
N GLN A 96 17.00 -4.21 7.16
CA GLN A 96 18.33 -3.63 7.34
C GLN A 96 18.88 -2.97 6.08
N VAL A 97 18.28 -3.20 4.92
CA VAL A 97 18.65 -2.54 3.67
C VAL A 97 17.44 -1.83 3.13
N ALA A 98 17.67 -0.68 2.49
CA ALA A 98 16.56 0.15 2.03
C ALA A 98 15.91 -0.38 0.77
N GLN A 99 16.67 -1.03 -0.12
CA GLN A 99 16.12 -1.47 -1.39
C GLN A 99 15.08 -2.57 -1.19
N LEU A 100 15.41 -3.60 -0.41
CA LEU A 100 14.50 -4.72 -0.22
C LEU A 100 13.44 -4.46 0.84
N LEU A 101 13.66 -3.50 1.73
CA LEU A 101 12.62 -3.18 2.71
C LEU A 101 11.40 -2.59 2.03
N ARG A 102 11.60 -1.56 1.20
CA ARG A 102 10.47 -0.89 0.57
C ARG A 102 9.77 -1.76 -0.47
N ARG A 103 10.45 -2.77 -1.00
CA ARG A 103 9.79 -3.69 -1.92
C ARG A 103 8.90 -4.69 -1.19
N LYS A 104 8.86 -4.64 0.15
CA LYS A 104 7.96 -5.47 0.93
C LYS A 104 6.78 -4.68 1.47
N LEU A 105 6.95 -3.39 1.70
CA LEU A 105 5.96 -2.57 2.39
C LEU A 105 4.86 -2.05 1.48
N GLU A 106 4.65 -2.69 0.32
CA GLU A 106 3.45 -2.43 -0.46
C GLU A 106 2.36 -3.46 -0.19
N PHE A 107 2.62 -4.42 0.69
CA PHE A 107 1.64 -5.40 1.15
C PHE A 107 1.71 -5.48 2.67
N THR A 108 0.86 -6.31 3.27
CA THR A 108 0.80 -6.45 4.72
C THR A 108 1.11 -7.86 5.19
N TYR A 109 0.53 -8.88 4.56
CA TYR A 109 0.77 -10.27 4.94
C TYR A 109 1.27 -11.04 3.73
N LEU A 110 2.49 -11.54 3.82
CA LEU A 110 3.12 -12.27 2.73
C LEU A 110 3.23 -13.75 3.07
N ARG A 111 3.72 -14.53 2.11
CA ARG A 111 3.99 -15.95 2.30
C ARG A 111 4.91 -16.44 1.21
N PHE A 112 6.12 -16.88 1.56
CA PHE A 112 7.07 -17.24 0.52
C PHE A 112 8.11 -18.22 1.06
N ASP A 113 8.91 -18.74 0.14
CA ASP A 113 10.10 -19.52 0.43
C ASP A 113 11.33 -18.62 0.24
N LEU A 114 12.52 -19.21 0.31
CA LEU A 114 13.73 -18.44 0.11
C LEU A 114 14.82 -19.33 -0.46
N GLU A 115 15.80 -18.70 -1.10
CA GLU A 115 16.98 -19.39 -1.61
C GLU A 115 18.20 -18.58 -1.21
N LEU A 116 18.85 -18.96 -0.11
CA LEU A 116 19.98 -18.22 0.40
C LEU A 116 21.17 -18.32 -0.56
N THR A 117 22.13 -17.42 -0.39
CA THR A 117 23.36 -17.44 -1.18
C THR A 117 24.38 -16.54 -0.49
N PHE A 118 25.61 -17.04 -0.39
CA PHE A 118 26.67 -16.35 0.35
C PHE A 118 27.86 -16.16 -0.57
N VAL A 119 28.13 -14.91 -0.93
CA VAL A 119 29.28 -14.60 -1.77
C VAL A 119 30.45 -14.18 -0.89
N ILE A 120 31.25 -15.15 -0.46
CA ILE A 120 32.33 -14.88 0.47
C ILE A 120 33.56 -14.36 -0.27
N THR A 121 34.32 -13.50 0.39
CA THR A 121 35.48 -12.84 -0.18
C THR A 121 36.59 -12.83 0.86
N SER A 122 37.80 -12.48 0.44
CA SER A 122 38.95 -12.48 1.33
C SER A 122 39.84 -11.28 1.02
N ALA A 123 40.90 -11.11 1.81
CA ALA A 123 41.86 -10.03 1.63
C ALA A 123 42.99 -10.21 2.62
N GLN A 124 44.15 -9.67 2.27
CA GLN A 124 45.34 -9.81 3.09
C GLN A 124 45.44 -8.67 4.10
N GLU A 125 46.37 -8.82 5.04
CA GLU A 125 46.68 -7.81 6.04
C GLU A 125 48.18 -7.71 6.18
N PRO A 126 48.67 -6.60 6.73
CA PRO A 126 50.12 -6.40 6.83
C PRO A 126 50.77 -7.39 7.80
N SER A 127 51.96 -7.83 7.44
CA SER A 127 52.73 -8.75 8.28
C SER A 127 54.21 -8.51 8.03
N THR A 128 55.05 -9.26 8.73
CA THR A 128 56.49 -9.05 8.74
C THR A 128 57.28 -10.28 8.30
N ALA A 129 56.65 -11.43 8.18
CA ALA A 129 57.36 -12.64 7.78
C ALA A 129 57.93 -12.50 6.37
N THR A 130 58.88 -13.37 6.05
CA THR A 130 59.60 -13.25 4.78
C THR A 130 58.69 -13.57 3.59
N SER A 131 58.17 -14.79 3.54
CA SER A 131 57.31 -15.23 2.46
C SER A 131 55.92 -15.55 3.00
N VAL A 132 54.96 -15.66 2.07
CA VAL A 132 53.58 -16.01 2.41
C VAL A 132 53.02 -16.87 1.30
N ASP A 133 52.36 -17.96 1.69
CA ASP A 133 51.74 -18.89 0.74
C ASP A 133 50.48 -19.45 1.41
N ALA A 134 49.34 -18.83 1.11
CA ALA A 134 48.10 -19.14 1.81
C ALA A 134 47.30 -20.16 1.03
N PRO A 135 47.16 -21.39 1.52
CA PRO A 135 46.23 -22.33 0.89
C PRO A 135 44.80 -21.84 0.98
N VAL A 136 43.91 -22.53 0.28
CA VAL A 136 42.52 -22.14 0.20
C VAL A 136 41.88 -22.19 1.58
N GLN A 137 40.91 -21.32 1.82
CA GLN A 137 40.21 -21.29 3.10
C GLN A 137 38.83 -21.93 2.97
N THR A 138 38.25 -22.29 4.11
CA THR A 138 36.99 -23.04 4.14
C THR A 138 36.05 -22.46 5.19
N GLN A 139 34.75 -22.55 4.91
CA GLN A 139 33.66 -22.17 5.82
C GLN A 139 32.47 -23.05 5.46
N GLN A 140 31.75 -23.62 6.44
CA GLN A 140 31.54 -23.24 7.86
C GLN A 140 30.78 -21.93 8.08
N ILE A 141 29.53 -21.92 7.63
CA ILE A 141 28.55 -20.94 8.11
C ILE A 141 27.40 -21.68 8.78
N MET A 142 27.16 -21.39 10.05
CA MET A 142 26.22 -22.14 10.87
C MET A 142 24.91 -21.38 11.01
N TYR A 143 23.88 -22.08 11.48
CA TYR A 143 22.57 -21.51 11.74
C TYR A 143 22.06 -22.03 13.07
N VAL A 144 21.78 -21.12 14.00
CA VAL A 144 21.30 -21.45 15.33
C VAL A 144 19.88 -20.92 15.47
N PRO A 145 18.87 -21.77 15.59
CA PRO A 145 17.50 -21.28 15.79
C PRO A 145 17.37 -20.64 17.16
N PRO A 146 16.22 -20.01 17.45
CA PRO A 146 16.04 -19.38 18.76
C PRO A 146 15.94 -20.43 19.86
N GLY A 147 16.53 -20.12 21.01
CA GLY A 147 16.52 -21.05 22.11
C GLY A 147 17.41 -22.25 21.86
N GLY A 148 18.72 -22.03 21.79
CA GLY A 148 19.66 -23.09 21.57
C GLY A 148 21.05 -22.72 22.05
N PRO A 149 22.01 -23.61 21.87
CA PRO A 149 23.38 -23.31 22.28
C PRO A 149 23.95 -22.13 21.51
N VAL A 150 25.11 -21.66 21.97
CA VAL A 150 25.76 -20.50 21.35
C VAL A 150 27.27 -20.65 21.49
N PRO A 151 28.04 -20.32 20.44
CA PRO A 151 29.50 -20.31 20.58
C PRO A 151 30.01 -18.95 21.00
N THR A 152 31.18 -18.96 21.65
CA THR A 152 31.81 -17.74 22.14
C THR A 152 33.22 -17.55 21.61
N LYS A 153 33.82 -18.58 21.02
CA LYS A 153 35.16 -18.51 20.45
C LYS A 153 35.22 -19.40 19.22
N VAL A 154 36.37 -19.40 18.54
CA VAL A 154 36.53 -20.21 17.34
C VAL A 154 37.04 -21.61 17.65
N THR A 155 37.10 -21.99 18.92
CA THR A 155 37.47 -23.34 19.34
C THR A 155 36.53 -23.88 20.41
N ASP A 156 35.23 -23.72 20.21
CA ASP A 156 34.23 -24.07 21.19
C ASP A 156 33.65 -25.46 20.91
N TYR A 157 32.84 -25.94 21.86
CA TYR A 157 32.12 -27.20 21.67
C TYR A 157 30.92 -27.06 20.75
N ALA A 158 30.38 -25.85 20.60
CA ALA A 158 29.14 -25.68 19.85
C ALA A 158 29.33 -25.93 18.36
N TRP A 159 30.58 -25.87 17.88
CA TRP A 159 30.82 -25.97 16.44
C TRP A 159 30.71 -27.40 15.93
N GLN A 160 30.37 -28.36 16.78
CA GLN A 160 30.18 -29.73 16.30
C GLN A 160 28.99 -29.82 15.36
N THR A 161 27.90 -29.12 15.68
CA THR A 161 26.70 -29.11 14.85
C THR A 161 26.11 -30.51 14.71
N SER A 162 25.66 -31.06 15.85
CA SER A 162 25.08 -32.40 15.82
C SER A 162 23.68 -32.38 15.24
N THR A 163 22.97 -31.26 15.37
CA THR A 163 21.62 -31.17 14.82
C THR A 163 21.43 -29.88 14.03
N ASN A 164 22.26 -28.88 14.30
CA ASN A 164 22.18 -27.63 13.54
C ASN A 164 22.62 -27.86 12.10
N PRO A 165 22.03 -27.12 11.15
CA PRO A 165 22.48 -27.23 9.75
C PRO A 165 23.62 -26.28 9.43
N SER A 166 24.71 -26.80 8.86
CA SER A 166 25.88 -26.00 8.53
C SER A 166 26.19 -26.16 7.05
N VAL A 167 27.04 -25.26 6.54
CA VAL A 167 27.46 -25.28 5.14
C VAL A 167 28.97 -25.13 5.11
N PHE A 168 29.65 -26.07 4.45
CA PHE A 168 31.09 -26.05 4.29
C PHE A 168 31.41 -25.77 2.83
N TRP A 169 32.27 -24.78 2.59
CA TRP A 169 32.55 -24.33 1.24
C TRP A 169 33.99 -23.82 1.16
N THR A 170 34.72 -24.33 0.18
CA THR A 170 36.12 -23.96 -0.05
C THR A 170 36.18 -22.87 -1.10
N GLU A 171 37.05 -21.89 -0.87
CA GLU A 171 37.13 -20.74 -1.76
C GLU A 171 37.63 -21.14 -3.14
N GLY A 172 36.99 -20.62 -4.17
CA GLY A 172 37.37 -20.86 -5.55
C GLY A 172 36.28 -21.47 -6.41
N ASN A 173 35.24 -22.05 -5.83
CA ASN A 173 34.16 -22.68 -6.57
C ASN A 173 32.95 -21.76 -6.59
N ALA A 174 31.84 -22.27 -7.10
CA ALA A 174 30.60 -21.50 -7.12
C ALA A 174 30.07 -21.29 -5.71
N PRO A 175 29.25 -20.28 -5.51
CA PRO A 175 28.79 -19.96 -4.14
C PRO A 175 27.70 -20.90 -3.69
N PRO A 176 27.51 -21.05 -2.37
CA PRO A 176 26.52 -21.99 -1.86
C PRO A 176 25.11 -21.43 -1.91
N ARG A 177 24.15 -22.31 -2.22
CA ARG A 177 22.75 -21.94 -2.30
C ARG A 177 21.89 -23.08 -1.77
N MET A 178 20.75 -22.72 -1.19
CA MET A 178 19.85 -23.69 -0.57
C MET A 178 18.49 -23.03 -0.36
N SER A 179 17.49 -23.85 -0.08
CA SER A 179 16.12 -23.38 0.08
C SER A 179 15.71 -23.40 1.55
N ILE A 180 14.52 -22.87 1.79
CA ILE A 180 13.99 -22.71 3.15
C ILE A 180 12.47 -22.71 3.09
N PRO A 181 11.79 -23.54 3.87
CA PRO A 181 10.32 -23.56 3.81
C PRO A 181 9.71 -22.34 4.49
N PHE A 182 8.39 -22.31 4.59
CA PHE A 182 7.68 -21.22 5.26
C PHE A 182 7.71 -21.48 6.75
N ILE A 183 8.83 -21.10 7.37
CA ILE A 183 9.06 -21.34 8.79
C ILE A 183 8.54 -20.12 9.55
N SER A 184 7.41 -20.27 10.22
CA SER A 184 6.83 -19.21 11.01
C SER A 184 5.85 -19.82 11.99
N ILE A 185 5.21 -18.97 12.78
CA ILE A 185 4.26 -19.42 13.81
C ILE A 185 2.84 -19.14 13.34
N GLY A 186 2.64 -18.03 12.64
CA GLY A 186 1.34 -17.68 12.14
C GLY A 186 1.10 -18.18 10.72
N ASN A 187 -0.10 -17.91 10.23
CA ASN A 187 -0.51 -18.38 8.91
C ASN A 187 0.06 -17.53 7.78
N ALA A 188 0.80 -16.46 8.09
CA ALA A 188 1.45 -15.62 7.10
C ALA A 188 2.36 -14.66 7.83
N TYR A 189 3.43 -14.24 7.15
CA TYR A 189 4.33 -13.25 7.72
C TYR A 189 3.58 -11.93 7.95
N SER A 190 4.04 -11.18 8.94
CA SER A 190 3.44 -9.89 9.27
C SER A 190 4.51 -8.81 9.20
N CYS A 191 4.33 -7.85 8.30
CA CYS A 191 5.30 -6.78 8.11
C CYS A 191 4.98 -5.54 8.93
N PHE A 192 3.76 -5.44 9.47
CA PHE A 192 3.33 -4.33 10.31
C PHE A 192 2.56 -4.88 11.50
N TYR A 193 2.94 -4.46 12.70
CA TYR A 193 2.28 -4.89 13.93
C TYR A 193 1.82 -3.66 14.69
N ASP A 194 0.57 -3.67 15.12
CA ASP A 194 -0.02 -2.57 15.87
C ASP A 194 -0.44 -3.06 17.25
N GLY A 195 0.46 -2.91 18.22
CA GLY A 195 0.22 -3.40 19.56
C GLY A 195 1.49 -3.87 20.24
N TRP A 196 1.38 -4.06 21.54
CA TRP A 196 2.51 -4.32 22.40
C TRP A 196 2.78 -5.82 22.51
N THR A 197 3.68 -6.19 23.41
CA THR A 197 4.00 -7.58 23.69
C THR A 197 3.56 -8.01 25.09
N GLN A 198 3.64 -7.12 26.07
CA GLN A 198 3.18 -7.44 27.41
C GLN A 198 1.67 -7.22 27.52
N PHE A 199 1.00 -8.09 28.27
CA PHE A 199 -0.44 -7.95 28.44
C PHE A 199 -0.78 -6.71 29.24
N SER A 200 0.18 -6.17 29.99
CA SER A 200 -0.06 -4.94 30.73
C SER A 200 -0.01 -3.71 29.83
N ARG A 201 0.31 -3.91 28.54
CA ARG A 201 0.34 -2.81 27.58
C ARG A 201 1.42 -1.80 27.96
N ASN A 202 2.64 -2.29 28.20
CA ASN A 202 3.77 -1.45 28.58
C ASN A 202 5.05 -2.03 27.99
N GLY A 203 5.99 -1.16 27.65
CA GLY A 203 7.30 -1.60 27.19
C GLY A 203 7.53 -1.48 25.70
N VAL A 204 7.63 -2.62 25.03
CA VAL A 204 7.97 -2.66 23.61
C VAL A 204 6.69 -2.63 22.80
N TYR A 205 6.69 -1.84 21.73
CA TYR A 205 5.51 -1.62 20.91
C TYR A 205 5.68 -1.99 19.45
N GLY A 206 6.88 -1.84 18.89
CA GLY A 206 7.07 -1.96 17.46
C GLY A 206 6.89 -3.34 16.87
N ILE A 207 7.48 -3.55 15.70
CA ILE A 207 7.27 -4.79 14.94
C ILE A 207 8.17 -5.93 15.39
N ASN A 208 9.27 -5.64 16.07
CA ASN A 208 10.20 -6.71 16.45
C ASN A 208 9.68 -7.58 17.58
N THR A 209 8.49 -7.30 18.11
CA THR A 209 7.94 -8.14 19.18
C THR A 209 7.69 -9.56 18.71
N LEU A 210 7.42 -9.76 17.42
CA LEU A 210 7.16 -11.08 16.86
C LEU A 210 8.18 -11.42 15.78
N ASN A 211 9.44 -11.13 16.05
CA ASN A 211 10.54 -11.41 15.12
C ASN A 211 11.73 -11.92 15.92
N ASN A 212 11.97 -13.22 15.90
CA ASN A 212 13.22 -13.77 16.41
C ASN A 212 14.04 -14.44 15.31
N MET A 213 13.50 -15.46 14.63
CA MET A 213 14.07 -15.99 13.40
C MET A 213 15.42 -16.69 13.57
N GLY A 214 16.00 -16.67 14.76
CA GLY A 214 17.26 -17.34 15.00
C GLY A 214 18.46 -16.41 14.91
N THR A 215 19.61 -17.02 14.58
CA THR A 215 20.87 -16.30 14.46
C THR A 215 21.58 -16.83 13.21
N LEU A 216 22.85 -16.46 13.06
CA LEU A 216 23.69 -16.91 11.96
C LEU A 216 25.15 -16.66 12.30
N TYR A 217 25.95 -17.73 12.30
CA TYR A 217 27.36 -17.66 12.68
C TYR A 217 28.24 -18.07 11.51
N MET A 218 29.45 -17.50 11.48
CA MET A 218 30.44 -17.79 10.44
C MET A 218 31.81 -17.86 11.08
N ARG A 219 32.73 -18.56 10.40
CA ARG A 219 34.02 -18.85 11.02
C ARG A 219 34.98 -19.43 9.99
N HIS A 220 36.27 -19.16 10.20
CA HIS A 220 37.36 -19.76 9.44
C HIS A 220 37.66 -21.14 10.01
N VAL A 221 37.80 -22.13 9.14
CA VAL A 221 38.09 -23.49 9.60
C VAL A 221 39.59 -23.74 9.63
N ASN A 222 40.33 -23.03 8.78
CA ASN A 222 41.79 -23.17 8.73
C ASN A 222 42.40 -22.83 10.08
N GLU A 223 43.58 -23.38 10.36
CA GLU A 223 44.20 -23.19 11.67
C GLU A 223 44.68 -21.76 11.85
N ALA A 224 45.62 -21.33 11.01
CA ALA A 224 46.19 -19.98 11.11
C ALA A 224 47.16 -19.82 9.96
N GLY A 225 47.67 -18.59 9.81
CA GLY A 225 48.63 -18.30 8.79
C GLY A 225 49.58 -17.21 9.24
N GLN A 226 50.08 -16.45 8.27
CA GLN A 226 51.00 -15.35 8.55
C GLN A 226 50.46 -14.01 8.10
N GLY A 227 49.30 -13.96 7.45
CA GLY A 227 48.78 -12.71 6.94
C GLY A 227 48.37 -11.75 8.03
N PRO A 228 47.27 -12.06 8.73
CA PRO A 228 46.33 -13.14 8.40
C PRO A 228 45.11 -12.63 7.64
N ILE A 229 44.41 -13.54 6.94
CA ILE A 229 43.35 -13.16 6.03
C ILE A 229 42.21 -12.47 6.78
N LYS A 230 41.50 -11.58 6.08
CA LYS A 230 40.25 -11.00 6.53
C LYS A 230 39.17 -11.27 5.49
N SER A 231 37.94 -11.48 5.95
CA SER A 231 36.88 -11.93 5.05
C SER A 231 35.59 -11.19 5.35
N THR A 232 34.71 -11.15 4.35
CA THR A 232 33.41 -10.52 4.45
C THR A 232 32.39 -11.34 3.68
N VAL A 233 31.34 -11.80 4.36
CA VAL A 233 30.26 -12.56 3.74
C VAL A 233 29.16 -11.59 3.32
N ARG A 234 28.37 -12.01 2.34
CA ARG A 234 27.26 -11.21 1.85
C ARG A 234 26.06 -12.13 1.63
N ILE A 235 24.93 -11.77 2.25
CA ILE A 235 23.73 -12.60 2.16
C ILE A 235 22.91 -12.15 0.96
N TYR A 236 22.05 -13.05 0.48
CA TYR A 236 21.20 -12.75 -0.67
C TYR A 236 19.92 -13.57 -0.54
N PHE A 237 18.78 -12.90 -0.41
CA PHE A 237 17.48 -13.55 -0.30
C PHE A 237 16.76 -13.46 -1.65
N LYS A 238 15.90 -14.44 -1.91
CA LYS A 238 15.12 -14.48 -3.15
C LYS A 238 13.78 -15.14 -2.85
N PRO A 239 12.74 -14.37 -2.49
CA PRO A 239 11.43 -14.98 -2.24
C PRO A 239 10.89 -15.70 -3.46
N LYS A 240 10.58 -16.99 -3.29
CA LYS A 240 10.30 -17.86 -4.43
C LYS A 240 8.81 -17.98 -4.75
N HIS A 241 7.99 -18.45 -3.82
CA HIS A 241 6.56 -18.68 -4.06
C HIS A 241 5.79 -17.68 -3.21
N VAL A 242 5.53 -16.51 -3.78
CA VAL A 242 4.95 -15.41 -3.02
C VAL A 242 3.43 -15.50 -3.03
N LYS A 243 2.82 -14.86 -2.03
CA LYS A 243 1.37 -14.65 -1.95
C LYS A 243 1.17 -13.41 -1.08
N ALA A 244 0.47 -12.42 -1.60
CA ALA A 244 0.33 -11.14 -0.93
C ALA A 244 -1.14 -10.82 -0.64
N TRP A 245 -1.36 -10.13 0.48
CA TRP A 245 -2.69 -9.74 0.90
C TRP A 245 -2.65 -8.30 1.41
N VAL A 246 -3.75 -7.59 1.20
CA VAL A 246 -3.97 -6.27 1.81
C VAL A 246 -2.89 -5.28 1.42
N PRO A 247 -2.87 -4.79 0.19
CA PRO A 247 -1.86 -3.81 -0.21
C PRO A 247 -2.04 -2.49 0.51
N ARG A 248 -1.00 -1.67 0.49
CA ARG A 248 -1.03 -0.38 1.15
C ARG A 248 -0.14 0.58 0.39
N PRO A 249 -0.24 1.89 0.69
CA PRO A 249 0.54 2.86 -0.07
C PRO A 249 2.02 2.72 0.24
N PRO A 250 2.89 3.05 -0.73
CA PRO A 250 4.33 2.93 -0.49
C PRO A 250 4.83 3.98 0.49
N ARG A 251 6.13 3.97 0.70
CA ARG A 251 6.76 4.88 1.66
C ARG A 251 7.13 6.19 0.98
N LEU A 252 7.13 7.27 1.77
CA LEU A 252 7.45 8.60 1.29
C LEU A 252 8.57 9.27 2.09
N CYS A 253 8.82 8.82 3.31
CA CYS A 253 9.89 9.38 4.13
C CYS A 253 10.96 8.32 4.35
N GLN A 254 12.21 8.76 4.45
CA GLN A 254 13.33 7.83 4.52
C GLN A 254 13.27 6.98 5.77
N TYR A 255 13.99 5.87 5.75
CA TYR A 255 14.10 5.03 6.95
C TYR A 255 15.21 5.57 7.84
N GLU A 256 14.99 5.50 9.15
CA GLU A 256 15.96 6.01 10.11
C GLU A 256 16.16 5.11 11.32
N LYS A 257 15.35 4.07 11.51
CA LYS A 257 15.50 3.12 12.59
C LYS A 257 15.21 1.72 12.07
N GLN A 258 15.84 0.71 12.71
CA GLN A 258 15.75 -0.64 12.18
C GLN A 258 14.45 -1.32 12.58
N LYS A 259 13.94 -1.02 13.78
CA LYS A 259 12.77 -1.70 14.31
C LYS A 259 11.63 -0.74 14.64
N ASN A 260 11.66 0.48 14.11
CA ASN A 260 10.61 1.45 14.32
C ASN A 260 10.00 1.83 12.98
N VAL A 261 9.12 2.83 13.02
CA VAL A 261 8.63 3.48 11.81
C VAL A 261 8.85 5.00 11.89
N ASN A 262 9.77 5.43 12.76
CA ASN A 262 10.01 6.85 12.94
C ASN A 262 10.51 7.49 11.65
N PHE A 263 10.11 8.73 11.43
CA PHE A 263 10.42 9.43 10.19
C PHE A 263 10.58 10.90 10.48
N ASN A 264 10.88 11.66 9.43
CA ASN A 264 10.95 13.11 9.52
C ASN A 264 10.06 13.68 8.43
N PRO A 265 9.05 14.49 8.77
CA PRO A 265 8.06 14.89 7.76
C PRO A 265 8.68 15.73 6.66
N THR A 266 8.33 15.41 5.42
CA THR A 266 8.84 16.08 4.24
C THR A 266 7.67 16.47 3.35
N GLY A 267 7.99 17.25 2.31
CA GLY A 267 6.98 17.64 1.35
C GLY A 267 6.47 16.46 0.57
N VAL A 268 5.22 16.57 0.10
CA VAL A 268 4.59 15.45 -0.58
C VAL A 268 5.20 15.23 -1.96
N THR A 269 5.72 16.29 -2.58
CA THR A 269 6.28 16.21 -3.93
C THR A 269 7.16 17.42 -4.14
N THR A 270 8.10 17.30 -5.09
CA THR A 270 8.89 18.45 -5.48
C THR A 270 8.00 19.53 -6.07
N THR A 271 8.55 20.72 -6.20
CA THR A 271 7.76 21.92 -6.46
C THR A 271 8.07 22.50 -7.83
N ARG A 272 7.03 23.11 -8.42
CA ARG A 272 7.14 23.86 -9.66
C ARG A 272 6.80 25.31 -9.37
N SER A 273 7.25 26.20 -10.26
CA SER A 273 7.18 27.64 -9.99
C SER A 273 5.83 28.25 -10.32
N ASN A 274 4.77 27.45 -10.45
CA ASN A 274 3.45 27.99 -10.79
C ASN A 274 2.46 26.84 -10.75
N ILE A 275 1.18 27.19 -10.92
CA ILE A 275 0.15 26.17 -11.05
C ILE A 275 -0.13 25.89 -12.52
N THR A 276 0.01 26.91 -13.37
CA THR A 276 -0.21 26.77 -14.80
C THR A 276 1.08 26.57 -15.58
N THR A 277 2.23 26.63 -14.92
CA THR A 277 3.49 26.46 -15.63
C THR A 277 3.72 24.99 -15.96
N THR A 278 4.25 24.74 -17.15
CA THR A 278 4.48 23.38 -17.62
C THR A 278 5.86 22.88 -17.20
N GLY B 8 -36.88 -1.10 -6.71
CA GLY B 8 -35.96 -0.08 -6.23
C GLY B 8 -36.37 1.31 -6.64
N TYR B 9 -36.73 2.14 -5.67
CA TYR B 9 -37.19 3.51 -5.89
C TYR B 9 -36.45 4.43 -4.93
N SER B 10 -35.89 5.52 -5.47
CA SER B 10 -35.19 6.53 -4.68
C SER B 10 -34.01 5.91 -3.91
N ASP B 11 -33.01 5.50 -4.70
CA ASP B 11 -31.76 4.90 -4.25
C ASP B 11 -31.18 5.57 -3.01
N ARG B 12 -31.30 6.89 -2.90
CA ARG B 12 -30.57 7.66 -1.89
C ARG B 12 -31.04 7.40 -0.45
N VAL B 13 -31.98 6.49 -0.22
CA VAL B 13 -32.47 6.21 1.13
C VAL B 13 -32.10 4.78 1.51
N ARG B 14 -31.52 4.62 2.70
CA ARG B 14 -31.15 3.32 3.24
C ARG B 14 -31.85 3.12 4.58
N SER B 15 -31.59 1.96 5.19
CA SER B 15 -32.14 1.64 6.51
C SER B 15 -31.43 0.41 7.07
N ILE B 16 -31.03 0.46 8.34
CA ILE B 16 -30.20 -0.56 8.94
C ILE B 16 -30.73 -0.86 10.34
N THR B 17 -31.17 -2.10 10.57
CA THR B 17 -31.66 -2.55 11.86
C THR B 17 -30.81 -3.74 12.32
N LEU B 18 -29.86 -3.46 13.19
CA LEU B 18 -28.91 -4.46 13.66
C LEU B 18 -29.10 -4.65 15.16
N GLY B 19 -29.90 -5.65 15.54
CA GLY B 19 -30.04 -5.96 16.95
C GLY B 19 -31.14 -5.16 17.59
N ASN B 20 -30.74 -4.07 18.26
CA ASN B 20 -31.70 -3.29 19.04
C ASN B 20 -31.83 -1.87 18.51
N SER B 21 -30.81 -1.37 17.83
CA SER B 21 -30.80 -0.01 17.31
C SER B 21 -31.07 -0.02 15.81
N THR B 22 -31.47 1.14 15.28
CA THR B 22 -31.76 1.31 13.87
C THR B 22 -31.36 2.71 13.44
N ILE B 23 -30.58 2.82 12.37
CA ILE B 23 -30.07 4.09 11.87
C ILE B 23 -30.55 4.27 10.44
N THR B 24 -31.34 5.33 10.22
CA THR B 24 -31.98 5.57 8.93
C THR B 24 -31.56 6.93 8.40
N THR B 25 -30.94 6.94 7.23
CA THR B 25 -30.55 8.17 6.55
C THR B 25 -31.37 8.35 5.28
N GLN B 26 -31.69 9.60 4.96
CA GLN B 26 -32.47 9.89 3.76
C GLN B 26 -31.61 10.34 2.59
N GLU B 27 -30.48 10.98 2.87
CA GLU B 27 -29.58 11.48 1.83
C GLU B 27 -28.22 10.84 2.06
N CYS B 28 -27.90 9.81 1.28
CA CYS B 28 -26.64 9.11 1.45
C CYS B 28 -26.19 8.53 0.13
N ALA B 29 -24.92 8.13 0.09
CA ALA B 29 -24.34 7.47 -1.07
C ALA B 29 -24.47 5.96 -0.92
N ASN B 30 -23.77 5.21 -1.76
CA ASN B 30 -23.80 3.76 -1.69
C ASN B 30 -23.12 3.27 -0.41
N VAL B 31 -23.11 1.96 -0.23
CA VAL B 31 -22.48 1.33 0.93
C VAL B 31 -21.31 0.48 0.43
N VAL B 32 -20.12 0.76 0.95
CA VAL B 32 -18.90 0.07 0.55
C VAL B 32 -18.67 -1.09 1.50
N VAL B 33 -18.67 -2.30 0.94
CA VAL B 33 -18.61 -3.52 1.75
C VAL B 33 -17.23 -4.14 1.70
N GLY B 34 -16.37 -3.75 2.65
CA GLY B 34 -15.07 -4.37 2.88
C GLY B 34 -14.24 -4.61 1.64
N TYR B 35 -13.46 -5.70 1.65
CA TYR B 35 -12.69 -6.06 0.47
C TYR B 35 -13.51 -6.93 -0.48
N GLY B 36 -14.82 -7.02 -0.23
CA GLY B 36 -15.69 -7.82 -1.09
C GLY B 36 -16.35 -8.97 -0.37
N VAL B 37 -16.24 -9.01 0.95
CA VAL B 37 -16.78 -10.11 1.75
C VAL B 37 -17.66 -9.54 2.84
N TRP B 38 -18.61 -10.33 3.29
CA TRP B 38 -19.52 -10.12 4.40
C TRP B 38 -19.00 -10.85 5.64
N PRO B 39 -19.05 -10.23 6.82
CA PRO B 39 -18.46 -10.86 8.01
C PRO B 39 -19.21 -12.12 8.41
N GLU B 40 -18.46 -13.21 8.57
CA GLU B 40 -19.03 -14.50 8.89
C GLU B 40 -18.34 -15.07 10.13
N TYR B 41 -18.94 -16.11 10.70
CA TYR B 41 -18.36 -16.79 11.84
C TYR B 41 -17.11 -17.56 11.42
N LEU B 42 -16.48 -18.24 12.36
CA LEU B 42 -15.24 -18.98 12.11
C LEU B 42 -15.57 -20.44 11.88
N LYS B 43 -15.26 -20.92 10.67
CA LYS B 43 -15.52 -22.31 10.33
C LYS B 43 -14.73 -23.25 11.24
N ASP B 44 -15.12 -24.52 11.25
CA ASP B 44 -14.40 -25.51 12.04
C ASP B 44 -13.33 -26.22 11.21
N ASN B 45 -12.85 -25.55 10.16
CA ASN B 45 -11.76 -26.12 9.38
C ASN B 45 -10.49 -25.29 9.54
N GLU B 46 -10.61 -24.11 10.12
CA GLU B 46 -9.48 -23.20 10.29
C GLU B 46 -9.27 -22.80 11.75
N ALA B 47 -9.90 -23.48 12.69
CA ALA B 47 -9.81 -23.15 14.11
C ALA B 47 -8.74 -24.00 14.77
N THR B 48 -8.10 -23.45 15.81
CA THR B 48 -7.15 -24.20 16.62
C THR B 48 -7.49 -24.19 18.10
N GLY B 49 -8.49 -23.40 18.51
CA GLY B 49 -8.91 -23.43 19.90
C GLY B 49 -9.56 -24.76 20.23
N GLU B 50 -9.29 -25.25 21.44
CA GLU B 50 -9.77 -26.55 21.86
C GLU B 50 -11.04 -26.45 22.72
N ASP B 51 -11.42 -25.23 23.09
CA ASP B 51 -12.65 -25.02 23.83
C ASP B 51 -13.82 -24.85 22.89
N GLN B 52 -14.95 -24.43 23.44
CA GLN B 52 -16.09 -24.08 22.59
C GLN B 52 -16.29 -22.57 22.60
N PRO B 53 -16.61 -21.97 21.46
CA PRO B 53 -16.80 -20.53 21.41
C PRO B 53 -18.07 -20.12 22.15
N THR B 54 -18.32 -18.82 22.14
CA THR B 54 -19.50 -18.25 22.79
C THR B 54 -20.09 -17.16 21.92
N GLN B 55 -20.98 -17.53 21.01
CA GLN B 55 -21.77 -16.53 20.29
C GLN B 55 -22.67 -15.85 21.30
N PRO B 56 -22.34 -14.63 21.75
CA PRO B 56 -22.96 -14.12 22.98
C PRO B 56 -24.46 -13.90 22.87
N ASP B 57 -24.88 -12.95 22.03
CA ASP B 57 -26.27 -12.51 21.94
C ASP B 57 -26.46 -11.53 20.80
N VAL B 58 -27.71 -11.06 20.66
CA VAL B 58 -27.98 -9.78 20.04
C VAL B 58 -27.53 -8.62 20.93
N ALA B 59 -27.23 -8.91 22.20
CA ALA B 59 -26.85 -7.87 23.15
C ALA B 59 -25.44 -7.33 22.91
N THR B 60 -24.69 -7.92 21.98
CA THR B 60 -23.34 -7.44 21.67
C THR B 60 -23.23 -6.87 20.27
N CYS B 61 -24.07 -7.34 19.34
CA CYS B 61 -24.12 -6.76 18.00
C CYS B 61 -25.12 -5.62 17.96
N ARG B 62 -24.74 -4.46 18.48
CA ARG B 62 -25.62 -3.30 18.56
C ARG B 62 -24.89 -2.07 18.05
N PHE B 63 -25.58 -0.93 18.12
CA PHE B 63 -25.05 0.33 17.59
C PHE B 63 -24.59 1.22 18.74
N TYR B 64 -23.33 1.08 19.14
CA TYR B 64 -22.75 1.90 20.19
C TYR B 64 -22.22 3.19 19.57
N THR B 65 -22.79 4.32 19.97
CA THR B 65 -22.38 5.62 19.46
C THR B 65 -21.30 6.21 20.35
N LEU B 66 -20.22 6.69 19.73
CA LEU B 66 -19.09 7.24 20.46
C LEU B 66 -19.28 8.76 20.61
N GLU B 67 -18.23 9.45 21.04
CA GLU B 67 -18.33 10.86 21.33
C GLU B 67 -18.44 11.68 20.04
N SER B 68 -18.71 12.97 20.20
CA SER B 68 -18.83 13.92 19.11
C SER B 68 -17.74 14.97 19.21
N VAL B 69 -17.55 15.70 18.11
CA VAL B 69 -16.54 16.74 18.02
C VAL B 69 -17.05 17.85 17.11
N GLN B 70 -16.36 18.98 17.14
CA GLN B 70 -16.73 20.14 16.34
C GLN B 70 -15.80 20.24 15.14
N TRP B 71 -16.39 20.34 13.95
CA TRP B 71 -15.63 20.59 12.72
C TRP B 71 -15.37 22.09 12.64
N MET B 72 -14.20 22.51 13.10
CA MET B 72 -13.81 23.91 13.08
C MET B 72 -13.37 24.29 11.68
N LYS B 73 -12.82 25.49 11.53
CA LYS B 73 -12.31 25.96 10.25
C LYS B 73 -10.80 25.84 10.13
N ASN B 74 -10.14 25.22 11.12
CA ASN B 74 -8.69 25.01 11.07
C ASN B 74 -8.30 23.62 11.54
N SER B 75 -9.27 22.77 11.88
CA SER B 75 -9.01 21.43 12.39
C SER B 75 -8.31 20.61 11.31
N ALA B 76 -7.52 19.63 11.73
CA ALA B 76 -6.72 18.87 10.78
C ALA B 76 -7.30 17.47 10.56
N GLY B 77 -7.52 16.72 11.62
CA GLY B 77 -8.05 15.37 11.47
C GLY B 77 -8.07 14.64 12.79
N TRP B 78 -8.97 13.66 12.88
CA TRP B 78 -9.16 12.85 14.06
C TRP B 78 -8.91 11.40 13.72
N TRP B 79 -8.85 10.55 14.75
CA TRP B 79 -8.80 9.11 14.51
C TRP B 79 -9.20 8.38 15.78
N TRP B 80 -9.52 7.09 15.60
CA TRP B 80 -9.88 6.21 16.70
C TRP B 80 -9.23 4.85 16.46
N LYS B 81 -9.07 4.09 17.54
CA LYS B 81 -8.63 2.71 17.47
C LYS B 81 -9.82 1.82 17.77
N LEU B 82 -10.12 0.90 16.86
CA LEU B 82 -11.45 0.28 16.84
C LEU B 82 -11.66 -0.72 17.96
N PRO B 83 -10.81 -1.73 18.15
CA PRO B 83 -11.06 -2.70 19.23
C PRO B 83 -10.97 -2.10 20.62
N ASP B 84 -10.33 -0.94 20.77
CA ASP B 84 -10.19 -0.29 22.07
C ASP B 84 -11.25 0.76 22.35
N ALA B 85 -11.81 1.38 21.31
CA ALA B 85 -12.82 2.41 21.53
C ALA B 85 -14.10 1.83 22.12
N LEU B 86 -14.43 0.58 21.78
CA LEU B 86 -15.60 -0.09 22.34
C LEU B 86 -15.29 -0.90 23.58
N SER B 87 -14.24 -0.53 24.32
CA SER B 87 -13.87 -1.31 25.50
C SER B 87 -14.81 -1.08 26.66
N GLN B 88 -15.39 0.12 26.76
CA GLN B 88 -16.23 0.47 27.89
C GLN B 88 -17.72 0.43 27.58
N MET B 89 -18.10 0.04 26.37
CA MET B 89 -19.49 0.08 25.95
C MET B 89 -20.16 -1.26 26.21
N GLY B 90 -21.18 -1.24 27.08
CA GLY B 90 -22.13 -2.30 27.35
C GLY B 90 -21.49 -3.67 27.51
N LEU B 91 -22.24 -4.69 27.09
CA LEU B 91 -21.79 -6.07 27.20
C LEU B 91 -20.75 -6.46 26.15
N PHE B 92 -20.26 -5.49 25.36
CA PHE B 92 -19.11 -5.76 24.52
C PHE B 92 -17.82 -5.53 25.27
N GLY B 93 -17.85 -4.69 26.30
CA GLY B 93 -16.68 -4.43 27.12
C GLY B 93 -16.54 -5.34 28.31
N GLN B 94 -17.54 -6.16 28.59
CA GLN B 94 -17.44 -7.17 29.63
C GLN B 94 -16.96 -8.50 29.08
N ASN B 95 -17.49 -8.94 27.94
CA ASN B 95 -16.99 -10.14 27.29
C ASN B 95 -15.66 -9.92 26.58
N MET B 96 -15.16 -8.69 26.57
CA MET B 96 -13.84 -8.42 26.01
C MET B 96 -12.73 -8.65 27.02
N GLN B 97 -12.98 -8.35 28.29
CA GLN B 97 -11.97 -8.48 29.33
C GLN B 97 -12.12 -9.75 30.15
N TYR B 98 -13.32 -10.32 30.26
CA TYR B 98 -13.47 -11.58 30.98
C TYR B 98 -12.87 -12.73 30.19
N HIS B 99 -12.90 -12.66 28.85
CA HIS B 99 -12.34 -13.70 28.01
C HIS B 99 -10.91 -13.34 27.63
N TYR B 100 -10.33 -14.08 26.68
CA TYR B 100 -8.93 -13.92 26.35
C TYR B 100 -8.73 -13.81 24.83
N LEU B 101 -9.69 -14.33 24.07
CA LEU B 101 -9.62 -14.32 22.61
C LEU B 101 -10.93 -13.76 22.06
N GLY B 102 -10.94 -13.45 20.76
CA GLY B 102 -12.15 -12.96 20.13
C GLY B 102 -11.87 -12.46 18.72
N ARG B 103 -12.94 -12.49 17.91
CA ARG B 103 -12.86 -12.00 16.54
C ARG B 103 -14.21 -11.40 16.18
N THR B 104 -14.21 -10.17 15.66
CA THR B 104 -15.45 -9.49 15.30
C THR B 104 -15.23 -8.64 14.06
N GLY B 105 -16.33 -8.25 13.44
CA GLY B 105 -16.32 -7.27 12.37
C GLY B 105 -17.26 -6.13 12.73
N TYR B 106 -17.04 -4.98 12.09
CA TYR B 106 -17.77 -3.77 12.44
C TYR B 106 -18.55 -3.24 11.26
N THR B 107 -19.46 -2.30 11.55
CA THR B 107 -20.19 -1.57 10.53
C THR B 107 -20.10 -0.07 10.86
N ILE B 108 -19.03 0.56 10.38
CA ILE B 108 -18.76 1.94 10.74
C ILE B 108 -19.80 2.85 10.08
N HIS B 109 -20.16 3.93 10.78
CA HIS B 109 -21.09 4.92 10.28
C HIS B 109 -20.60 6.30 10.67
N VAL B 110 -21.06 7.32 9.94
CA VAL B 110 -20.64 8.69 10.21
C VAL B 110 -21.80 9.62 9.84
N GLN B 111 -22.01 10.64 10.68
CA GLN B 111 -23.05 11.64 10.45
C GLN B 111 -22.41 13.03 10.48
N CYS B 112 -22.72 13.83 9.47
CA CYS B 112 -22.36 15.24 9.44
C CYS B 112 -23.25 15.94 8.44
N ASN B 113 -24.15 16.78 8.94
CA ASN B 113 -25.20 17.40 8.14
C ASN B 113 -25.10 18.92 8.21
N ALA B 114 -25.10 19.56 7.05
CA ALA B 114 -25.06 21.01 6.95
C ALA B 114 -26.06 21.46 5.91
N SER B 115 -26.33 22.77 5.90
CA SER B 115 -27.32 23.31 4.99
C SER B 115 -26.78 23.37 3.57
N LYS B 116 -27.56 24.00 2.69
CA LYS B 116 -27.11 24.16 1.30
C LYS B 116 -26.27 25.43 1.14
N PHE B 117 -25.89 26.05 2.26
CA PHE B 117 -25.05 27.25 2.17
C PHE B 117 -23.68 27.01 2.79
N HIS B 118 -23.39 25.77 3.17
CA HIS B 118 -22.07 25.41 3.65
C HIS B 118 -21.33 24.58 2.61
N GLN B 119 -20.04 24.38 2.82
CA GLN B 119 -19.20 23.60 1.93
C GLN B 119 -18.13 22.86 2.72
N GLY B 120 -17.62 21.80 2.14
CA GLY B 120 -16.57 21.03 2.80
C GLY B 120 -16.50 19.62 2.25
N CYS B 121 -15.56 18.87 2.81
CA CYS B 121 -15.36 17.49 2.39
C CYS B 121 -14.62 16.75 3.50
N LEU B 122 -14.58 15.42 3.40
CA LEU B 122 -13.90 14.59 4.38
C LEU B 122 -13.58 13.24 3.75
N LEU B 123 -12.57 12.57 4.29
CA LEU B 123 -12.14 11.26 3.82
C LEU B 123 -12.35 10.27 4.96
N VAL B 124 -13.42 9.48 4.88
CA VAL B 124 -13.67 8.44 5.85
C VAL B 124 -13.01 7.14 5.37
N VAL B 125 -11.95 6.72 6.05
CA VAL B 125 -11.18 5.54 5.67
C VAL B 125 -10.75 4.81 6.94
N CYS B 126 -10.69 3.48 6.85
CA CYS B 126 -10.16 2.65 7.92
C CYS B 126 -8.93 1.91 7.41
N VAL B 127 -7.86 1.93 8.20
CA VAL B 127 -6.58 1.38 7.81
C VAL B 127 -6.31 0.14 8.65
N PRO B 128 -5.95 -0.99 8.05
CA PRO B 128 -5.65 -2.18 8.86
C PRO B 128 -4.19 -2.18 9.32
N GLU B 129 -4.00 -2.47 10.61
CA GLU B 129 -2.66 -2.50 11.21
C GLU B 129 -1.98 -1.14 11.10
N ALA B 130 -2.59 -0.13 11.69
CA ALA B 130 -2.02 1.22 11.63
C ALA B 130 -0.93 1.38 12.67
N GLU B 131 0.29 1.63 12.20
CA GLU B 131 1.41 1.97 13.05
C GLU B 131 1.49 3.49 13.19
N MET B 132 2.42 3.97 14.01
CA MET B 132 2.59 5.39 14.23
C MET B 132 4.06 5.65 14.52
N GLY B 133 4.42 6.92 14.53
CA GLY B 133 5.81 7.30 14.76
C GLY B 133 5.98 8.28 15.91
N CYS B 134 6.89 7.96 16.83
CA CYS B 134 7.13 8.82 17.97
C CYS B 134 7.74 10.14 17.52
N SER B 135 7.69 11.14 18.41
CA SER B 135 8.28 12.44 18.09
C SER B 135 9.80 12.35 18.05
N ASN B 136 10.41 12.00 19.18
CA ASN B 136 11.83 11.69 19.25
C ASN B 136 12.07 10.39 18.49
N LEU B 137 13.18 10.32 17.76
CA LEU B 137 13.43 9.15 16.93
C LEU B 137 13.83 7.95 17.76
N ASN B 138 14.62 8.16 18.82
CA ASN B 138 15.12 7.04 19.61
C ASN B 138 13.97 6.29 20.29
N ASN B 139 13.20 6.98 21.11
CA ASN B 139 12.13 6.35 21.86
C ASN B 139 11.01 5.91 20.92
N THR B 140 9.98 5.33 21.51
CA THR B 140 8.74 4.86 20.94
C THR B 140 7.56 5.60 21.58
N PRO B 141 6.43 5.72 20.89
CA PRO B 141 5.33 6.53 21.42
C PRO B 141 4.78 5.98 22.73
N LYS B 142 4.13 6.86 23.47
CA LYS B 142 3.44 6.48 24.69
C LYS B 142 2.17 5.70 24.35
N PHE B 143 1.40 5.37 25.38
CA PHE B 143 0.07 4.80 25.18
C PHE B 143 -1.04 5.81 25.37
N ALA B 144 -0.91 6.72 26.33
CA ALA B 144 -1.91 7.77 26.53
C ALA B 144 -1.88 8.81 25.42
N GLU B 145 -0.86 8.80 24.57
CA GLU B 145 -0.80 9.67 23.41
C GLU B 145 -1.10 8.92 22.11
N LEU B 146 -1.42 7.64 22.18
CA LEU B 146 -1.71 6.84 21.01
C LEU B 146 -3.17 6.40 20.93
N SER B 147 -3.82 6.19 22.07
CA SER B 147 -5.21 5.78 22.12
C SER B 147 -5.94 6.54 23.21
N GLY B 148 -7.08 7.12 22.84
CA GLY B 148 -7.95 7.80 23.78
C GLY B 148 -9.03 6.87 24.26
N GLY B 149 -9.58 7.16 25.44
CA GLY B 149 -10.65 6.35 25.99
C GLY B 149 -11.97 6.70 25.35
N ASP B 150 -12.19 6.22 24.12
CA ASP B 150 -13.31 6.54 23.24
C ASP B 150 -13.49 8.05 23.05
N ASN B 151 -12.42 8.82 23.20
CA ASN B 151 -12.41 10.23 22.87
C ASN B 151 -11.42 10.46 21.73
N ALA B 152 -11.82 11.33 20.79
CA ALA B 152 -11.05 11.48 19.56
C ALA B 152 -9.66 12.02 19.82
N ARG B 153 -8.69 11.49 19.09
CA ARG B 153 -7.36 12.05 18.98
C ARG B 153 -7.27 12.86 17.70
N MET B 154 -6.54 13.97 17.75
CA MET B 154 -6.56 14.93 16.66
C MET B 154 -5.15 15.26 16.19
N PHE B 155 -5.02 15.44 14.87
CA PHE B 155 -3.78 15.89 14.25
C PHE B 155 -3.52 17.36 14.56
N THR B 156 -2.44 17.87 13.98
CA THR B 156 -2.08 19.27 14.13
C THR B 156 -1.53 19.81 12.82
N ASP B 157 -1.15 21.10 12.83
CA ASP B 157 -0.59 21.72 11.64
C ASP B 157 0.94 21.80 11.73
N THR B 158 1.46 22.42 12.79
CA THR B 158 2.88 22.34 13.10
C THR B 158 3.22 20.85 13.29
N GLU B 159 4.47 20.48 13.03
CA GLU B 159 4.71 19.06 12.78
C GLU B 159 4.60 18.20 14.04
N VAL B 160 5.56 18.25 14.96
CA VAL B 160 5.34 17.69 16.28
C VAL B 160 6.06 18.49 17.36
N GLY B 161 7.03 19.30 16.94
CA GLY B 161 8.02 19.79 17.89
C GLY B 161 9.07 18.72 18.15
N THR B 162 9.66 18.79 19.34
CA THR B 162 10.61 17.77 19.80
C THR B 162 10.21 17.18 21.15
N SER B 163 8.94 17.34 21.54
CA SER B 163 8.42 16.84 22.79
C SER B 163 7.40 15.75 22.53
N ASN B 164 7.15 14.93 23.55
CA ASN B 164 7.85 14.99 24.82
C ASN B 164 8.77 13.79 24.96
N ASP B 165 9.36 13.39 23.83
CA ASP B 165 10.12 12.16 23.64
C ASP B 165 9.21 10.95 23.51
N LYS B 166 7.89 11.10 23.71
CA LYS B 166 6.96 10.00 23.56
C LYS B 166 5.70 10.36 22.78
N LYS B 167 5.44 11.63 22.52
CA LYS B 167 4.26 12.04 21.79
C LYS B 167 4.29 11.50 20.36
N VAL B 168 3.11 11.13 19.85
CA VAL B 168 3.01 10.75 18.44
C VAL B 168 3.19 11.99 17.57
N GLN B 169 3.72 11.79 16.37
CA GLN B 169 3.94 12.88 15.43
C GLN B 169 2.65 13.13 14.65
N THR B 170 2.03 14.27 14.90
CA THR B 170 0.77 14.64 14.26
C THR B 170 1.10 15.51 13.05
N ALA B 171 1.65 14.89 12.01
CA ALA B 171 1.92 15.55 10.74
C ALA B 171 0.87 15.05 9.75
N VAL B 172 -0.17 15.85 9.54
CA VAL B 172 -1.36 15.37 8.84
C VAL B 172 -1.03 15.05 7.38
N TRP B 173 -0.16 15.86 6.75
CA TRP B 173 0.12 15.65 5.33
C TRP B 173 0.91 14.38 5.07
N ASN B 174 1.51 13.79 6.10
CA ASN B 174 2.15 12.49 5.99
C ASN B 174 1.35 11.39 6.65
N ALA B 175 0.25 11.72 7.34
CA ALA B 175 -0.70 10.83 7.98
C ALA B 175 -0.17 10.24 9.28
N GLY B 176 1.08 10.49 9.65
CA GLY B 176 1.65 9.94 10.87
C GLY B 176 2.19 8.53 10.72
N MET B 177 1.86 7.87 9.62
CA MET B 177 2.33 6.50 9.41
C MET B 177 3.59 6.47 8.56
N GLY B 178 3.82 7.53 7.78
CA GLY B 178 5.01 7.61 6.95
C GLY B 178 4.74 7.29 5.50
N VAL B 179 3.58 7.71 5.00
CA VAL B 179 3.18 7.47 3.62
C VAL B 179 2.60 8.75 3.05
N GLY B 180 2.24 8.70 1.77
CA GLY B 180 1.61 9.84 1.12
C GLY B 180 0.13 9.89 1.38
N VAL B 181 -0.36 11.03 1.88
CA VAL B 181 -1.75 11.11 2.30
C VAL B 181 -2.70 10.93 1.12
N GLY B 182 -2.28 11.33 -0.08
CA GLY B 182 -3.10 11.15 -1.25
C GLY B 182 -3.28 9.70 -1.66
N ASN B 183 -2.42 8.81 -1.17
CA ASN B 183 -2.49 7.39 -1.51
C ASN B 183 -3.32 6.59 -0.51
N LEU B 184 -4.02 7.27 0.39
CA LEU B 184 -4.82 6.58 1.40
C LEU B 184 -6.18 6.14 0.87
N THR B 185 -6.36 6.08 -0.45
CA THR B 185 -7.62 5.62 -1.01
C THR B 185 -7.58 4.15 -1.39
N ILE B 186 -6.50 3.43 -1.01
CA ILE B 186 -6.44 2.00 -1.31
C ILE B 186 -7.34 1.24 -0.35
N PHE B 187 -7.22 1.52 0.95
CA PHE B 187 -8.11 0.91 1.92
C PHE B 187 -9.54 1.36 1.65
N PRO B 188 -10.54 0.56 2.04
CA PRO B 188 -11.94 0.93 1.80
C PRO B 188 -12.29 2.29 2.39
N HIS B 189 -13.24 2.99 1.78
CA HIS B 189 -13.51 4.36 2.20
C HIS B 189 -14.75 4.94 1.51
N GLN B 190 -15.06 6.19 1.84
CA GLN B 190 -16.17 6.92 1.26
C GLN B 190 -15.96 8.39 1.57
N TRP B 191 -16.37 9.26 0.66
CA TRP B 191 -16.23 10.69 0.87
C TRP B 191 -17.52 11.27 1.42
N ILE B 192 -17.39 12.36 2.15
CA ILE B 192 -18.53 13.13 2.66
C ILE B 192 -18.41 14.51 2.06
N ASN B 193 -19.15 14.76 0.98
CA ASN B 193 -19.22 16.08 0.37
C ASN B 193 -20.56 16.69 0.74
N LEU B 194 -20.53 17.80 1.47
CA LEU B 194 -21.76 18.39 1.99
C LEU B 194 -22.66 18.88 0.86
N ARG B 195 -22.09 19.09 -0.33
CA ARG B 195 -22.88 19.44 -1.50
C ARG B 195 -23.92 18.37 -1.81
N THR B 196 -23.52 17.09 -1.80
CA THR B 196 -24.41 16.02 -2.20
C THR B 196 -24.40 14.81 -1.27
N ASN B 197 -23.85 14.91 -0.06
CA ASN B 197 -23.74 13.76 0.82
C ASN B 197 -24.03 14.16 2.26
N ASN B 198 -24.44 13.18 3.05
CA ASN B 198 -24.81 13.41 4.44
C ASN B 198 -24.29 12.37 5.40
N SER B 199 -23.61 11.32 4.93
CA SER B 199 -23.16 10.23 5.79
C SER B 199 -22.25 9.32 4.98
N ALA B 200 -21.77 8.27 5.63
CA ALA B 200 -20.87 7.32 5.01
C ALA B 200 -20.89 6.01 5.79
N THR B 201 -21.18 4.93 5.09
CA THR B 201 -21.26 3.60 5.69
C THR B 201 -20.13 2.72 5.17
N ILE B 202 -19.61 1.86 6.04
CA ILE B 202 -18.49 0.99 5.72
C ILE B 202 -18.65 -0.30 6.52
N VAL B 203 -18.59 -1.44 5.83
CA VAL B 203 -18.66 -2.75 6.45
C VAL B 203 -17.29 -3.40 6.32
N MET B 204 -16.67 -3.75 7.45
CA MET B 204 -15.34 -4.30 7.44
C MET B 204 -15.34 -5.70 8.04
N PRO B 205 -14.77 -6.69 7.36
CA PRO B 205 -14.62 -8.02 7.96
C PRO B 205 -13.39 -8.08 8.85
N TYR B 206 -13.17 -9.28 9.41
CA TYR B 206 -12.00 -9.50 10.24
C TYR B 206 -10.80 -9.87 9.37
N ILE B 207 -9.81 -8.98 9.35
CA ILE B 207 -8.58 -9.23 8.58
C ILE B 207 -7.40 -9.25 9.53
N ASN B 208 -6.69 -10.38 9.56
CA ASN B 208 -5.58 -10.56 10.48
C ASN B 208 -4.93 -11.90 10.16
N SER B 209 -3.64 -12.02 10.51
CA SER B 209 -2.91 -13.23 10.17
C SER B 209 -3.46 -14.44 10.91
N VAL B 210 -3.40 -14.43 12.24
CA VAL B 210 -3.86 -15.56 13.06
C VAL B 210 -5.38 -15.61 13.04
N PRO B 211 -5.98 -16.74 13.42
CA PRO B 211 -7.45 -16.81 13.42
C PRO B 211 -8.09 -15.91 14.46
N MET B 212 -7.67 -15.99 15.72
CA MET B 212 -8.22 -15.18 16.79
C MET B 212 -7.09 -14.51 17.56
N ASP B 213 -7.27 -13.24 17.87
CA ASP B 213 -6.22 -12.44 18.49
C ASP B 213 -6.78 -11.74 19.70
N ASN B 214 -5.89 -11.36 20.62
CA ASN B 214 -6.28 -10.65 21.84
C ASN B 214 -6.92 -9.32 21.49
N MET B 215 -7.53 -8.69 22.51
CA MET B 215 -8.22 -7.42 22.27
C MET B 215 -7.50 -6.28 22.98
N TYR B 216 -6.76 -6.58 24.04
CA TYR B 216 -6.10 -5.53 24.80
C TYR B 216 -4.63 -5.37 24.40
N ARG B 217 -4.11 -6.30 23.60
CA ARG B 217 -2.68 -6.28 23.32
C ARG B 217 -2.40 -5.86 21.88
N HIS B 218 -3.37 -6.02 20.99
CA HIS B 218 -3.18 -5.72 19.57
C HIS B 218 -4.48 -5.17 19.00
N ASN B 219 -4.42 -3.93 18.49
CA ASN B 219 -5.57 -3.26 17.91
C ASN B 219 -5.68 -3.63 16.43
N ASN B 220 -6.87 -3.99 16.00
CA ASN B 220 -7.06 -4.50 14.64
C ASN B 220 -6.96 -3.39 13.61
N LEU B 221 -7.86 -2.41 13.67
CA LEU B 221 -7.98 -1.40 12.64
C LEU B 221 -7.71 -0.02 13.22
N THR B 222 -7.95 1.00 12.40
CA THR B 222 -7.84 2.39 12.80
C THR B 222 -8.70 3.24 11.89
N LEU B 223 -9.54 4.08 12.47
CA LEU B 223 -10.46 4.93 11.72
C LEU B 223 -9.90 6.33 11.66
N MET B 224 -9.73 6.86 10.45
CA MET B 224 -9.13 8.18 10.24
C MET B 224 -10.12 9.07 9.50
N ILE B 225 -10.22 10.31 9.94
CA ILE B 225 -11.07 11.32 9.31
C ILE B 225 -10.19 12.53 9.01
N ILE B 226 -10.18 12.96 7.76
CA ILE B 226 -9.35 14.08 7.33
C ILE B 226 -10.15 14.98 6.39
N PRO B 227 -10.40 16.24 6.76
CA PRO B 227 -11.05 17.15 5.81
C PRO B 227 -10.09 17.75 4.80
N PHE B 228 -10.17 17.32 3.54
CA PHE B 228 -9.30 17.86 2.50
C PHE B 228 -9.69 19.27 2.08
N VAL B 229 -10.92 19.69 2.37
CA VAL B 229 -11.39 21.03 2.03
C VAL B 229 -12.08 21.62 3.25
N PRO B 230 -11.52 22.66 3.87
CA PRO B 230 -12.07 23.16 5.13
C PRO B 230 -13.48 23.69 4.97
N LEU B 231 -14.19 23.75 6.10
CA LEU B 231 -15.54 24.32 6.12
C LEU B 231 -15.50 25.79 5.72
N ASN B 232 -16.66 26.33 5.38
CA ASN B 232 -16.77 27.75 5.05
C ASN B 232 -18.23 28.13 5.00
N TYR B 233 -18.51 29.41 5.19
CA TYR B 233 -19.87 29.92 5.18
C TYR B 233 -19.83 31.44 5.27
N SER B 234 -20.79 32.07 4.63
CA SER B 234 -20.94 33.51 4.73
C SER B 234 -21.57 33.89 6.07
N GLU B 235 -21.48 35.16 6.40
CA GLU B 235 -22.02 35.64 7.67
C GLU B 235 -23.53 35.48 7.67
N GLY B 236 -24.07 35.03 8.80
CA GLY B 236 -25.48 34.76 8.93
C GLY B 236 -25.88 33.30 8.87
N SER B 237 -25.08 32.41 9.45
CA SER B 237 -25.38 30.98 9.45
C SER B 237 -24.78 30.36 10.70
N SER B 238 -25.25 29.15 11.02
CA SER B 238 -24.81 28.49 12.23
C SER B 238 -23.32 28.15 12.13
N PRO B 239 -22.51 28.56 13.10
CA PRO B 239 -21.07 28.36 13.00
C PRO B 239 -20.58 27.09 13.67
N TYR B 240 -21.50 26.25 14.12
CA TYR B 240 -21.15 25.02 14.84
C TYR B 240 -21.63 23.82 14.03
N VAL B 241 -20.70 23.02 13.54
CA VAL B 241 -20.99 21.82 12.78
C VAL B 241 -20.34 20.64 13.50
N PRO B 242 -21.13 19.83 14.21
CA PRO B 242 -20.57 18.69 14.94
C PRO B 242 -20.59 17.41 14.11
N ILE B 243 -19.79 16.45 14.57
CA ILE B 243 -19.62 15.16 13.90
C ILE B 243 -19.82 14.04 14.92
N THR B 244 -20.42 12.94 14.48
CA THR B 244 -20.63 11.78 15.33
C THR B 244 -20.43 10.52 14.50
N VAL B 245 -20.18 9.42 15.20
CA VAL B 245 -19.90 8.12 14.57
C VAL B 245 -20.61 7.03 15.36
N THR B 246 -21.16 6.06 14.65
CA THR B 246 -21.89 4.95 15.25
C THR B 246 -21.33 3.66 14.70
N ILE B 247 -20.95 2.73 15.59
CA ILE B 247 -20.26 1.51 15.22
C ILE B 247 -21.01 0.33 15.80
N ALA B 248 -20.99 -0.80 15.09
CA ALA B 248 -21.70 -1.99 15.51
C ALA B 248 -20.84 -3.24 15.36
N PRO B 249 -20.48 -3.91 16.44
CA PRO B 249 -19.77 -5.18 16.32
C PRO B 249 -20.62 -6.22 15.62
N MET B 250 -20.04 -6.91 14.64
CA MET B 250 -20.75 -7.86 13.81
C MET B 250 -20.11 -9.23 13.91
N CYS B 251 -20.90 -10.24 14.26
CA CYS B 251 -20.46 -11.63 14.32
C CYS B 251 -19.29 -11.80 15.30
N ALA B 252 -19.62 -11.55 16.57
CA ALA B 252 -18.64 -11.66 17.65
C ALA B 252 -18.52 -13.11 18.14
N GLU B 253 -17.35 -13.43 18.67
CA GLU B 253 -17.04 -14.75 19.20
C GLU B 253 -15.95 -14.59 20.24
N TYR B 254 -15.83 -15.57 21.15
CA TYR B 254 -14.84 -15.48 22.22
C TYR B 254 -14.39 -16.87 22.64
N ASN B 255 -13.29 -16.92 23.40
CA ASN B 255 -12.75 -18.16 23.95
C ASN B 255 -11.86 -17.84 25.14
N GLY B 256 -11.55 -18.87 25.92
CA GLY B 256 -10.59 -18.74 27.01
C GLY B 256 -11.08 -17.91 28.18
N LEU B 257 -12.06 -18.41 28.93
CA LEU B 257 -12.62 -17.69 30.05
C LEU B 257 -11.67 -17.68 31.24
N ARG B 258 -11.50 -16.52 31.84
CA ARG B 258 -10.63 -16.35 33.00
C ARG B 258 -11.25 -15.25 33.87
N LEU B 259 -10.46 -14.72 34.81
CA LEU B 259 -10.94 -13.61 35.61
C LEU B 259 -10.73 -12.29 34.87
N ALA B 260 -11.31 -11.23 35.43
CA ALA B 260 -11.28 -9.92 34.78
C ALA B 260 -9.90 -9.29 34.91
N SER B 261 -9.75 -8.13 34.28
CA SER B 261 -8.47 -7.43 34.27
C SER B 261 -8.67 -5.92 34.15
N GLY C 1 32.20 -43.20 -16.47
CA GLY C 1 30.82 -42.75 -16.45
C GLY C 1 30.44 -41.97 -17.70
N LEU C 2 29.27 -41.31 -17.65
CA LEU C 2 28.80 -40.52 -18.77
C LEU C 2 29.75 -39.37 -19.02
N PRO C 3 30.41 -39.31 -20.18
CA PRO C 3 31.35 -38.21 -20.45
C PRO C 3 30.66 -37.02 -21.10
N VAL C 4 30.89 -35.81 -20.58
CA VAL C 4 30.23 -34.62 -21.11
C VAL C 4 31.03 -33.39 -20.68
N MET C 5 30.97 -32.35 -21.50
CA MET C 5 31.71 -31.12 -21.27
C MET C 5 30.76 -30.00 -20.85
N THR C 6 31.35 -28.92 -20.33
CA THR C 6 30.61 -27.82 -19.73
C THR C 6 30.83 -26.55 -20.55
N THR C 7 29.75 -25.99 -21.07
CA THR C 7 29.82 -24.77 -21.85
C THR C 7 30.21 -23.60 -20.97
N PRO C 8 30.49 -22.44 -21.56
CA PRO C 8 30.72 -21.24 -20.76
C PRO C 8 29.46 -20.81 -20.04
N GLY C 9 29.66 -19.99 -19.01
CA GLY C 9 28.59 -19.55 -18.14
C GLY C 9 28.45 -20.33 -16.86
N SER C 10 29.05 -21.52 -16.79
CA SER C 10 28.91 -22.36 -15.62
C SER C 10 29.66 -21.76 -14.42
N THR C 11 29.19 -22.11 -13.22
CA THR C 11 29.78 -21.64 -11.98
C THR C 11 29.68 -20.12 -11.84
N GLN C 12 28.54 -19.55 -12.19
CA GLN C 12 28.29 -18.13 -12.02
C GLN C 12 27.12 -17.92 -11.07
N PHE C 13 26.72 -16.66 -10.94
CA PHE C 13 25.62 -16.29 -10.07
C PHE C 13 24.80 -15.19 -10.73
N LEU C 14 23.71 -15.57 -11.38
CA LEU C 14 22.73 -14.63 -11.91
C LEU C 14 21.82 -14.19 -10.78
N THR C 15 21.52 -12.89 -10.74
CA THR C 15 20.62 -12.40 -9.72
C THR C 15 19.19 -12.85 -9.98
N SER C 16 18.86 -13.17 -11.22
CA SER C 16 17.51 -13.57 -11.58
C SER C 16 17.48 -14.97 -12.18
N ASP C 17 18.16 -15.91 -11.53
CA ASP C 17 18.23 -17.29 -12.00
C ASP C 17 17.05 -18.10 -11.46
N ASP C 18 16.61 -19.08 -12.24
CA ASP C 18 15.51 -19.97 -11.88
C ASP C 18 16.04 -21.40 -11.88
N PHE C 19 16.60 -21.81 -10.76
CA PHE C 19 17.18 -23.14 -10.61
C PHE C 19 16.71 -23.76 -9.31
N GLN C 20 16.60 -25.09 -9.32
CA GLN C 20 16.30 -25.82 -8.10
C GLN C 20 17.51 -25.83 -7.18
N SER C 21 17.35 -26.41 -6.01
CA SER C 21 18.42 -26.40 -5.01
C SER C 21 18.00 -27.28 -3.84
N PRO C 22 18.95 -27.68 -3.00
CA PRO C 22 18.62 -28.54 -1.86
C PRO C 22 17.74 -27.84 -0.84
N SER C 23 17.40 -28.54 0.24
CA SER C 23 16.54 -28.00 1.28
C SER C 23 17.25 -28.16 2.62
N ALA C 24 17.33 -27.05 3.37
CA ALA C 24 18.02 -27.10 4.66
C ALA C 24 17.26 -27.97 5.65
N MET C 25 15.97 -27.72 5.84
CA MET C 25 15.15 -28.49 6.76
C MET C 25 14.27 -29.44 5.95
N PRO C 26 14.58 -30.73 5.91
CA PRO C 26 13.74 -31.67 5.17
C PRO C 26 12.57 -32.16 6.02
N GLN C 27 11.51 -32.57 5.32
CA GLN C 27 10.29 -33.06 5.96
C GLN C 27 9.68 -32.00 6.87
N PHE C 28 9.64 -30.76 6.39
CA PHE C 28 9.00 -29.69 7.13
C PHE C 28 7.53 -29.59 6.74
N ASP C 29 6.68 -29.33 7.73
CA ASP C 29 5.23 -29.22 7.53
C ASP C 29 4.80 -27.81 7.89
N VAL C 30 4.56 -26.99 6.87
CA VAL C 30 4.16 -25.62 7.10
C VAL C 30 2.77 -25.58 7.73
N THR C 31 2.43 -24.42 8.30
CA THR C 31 1.09 -24.24 8.83
C THR C 31 0.07 -24.29 7.70
N PRO C 32 -1.10 -24.90 7.93
CA PRO C 32 -2.09 -25.00 6.86
C PRO C 32 -2.55 -23.63 6.38
N GLU C 33 -2.93 -23.59 5.11
CA GLU C 33 -3.34 -22.34 4.46
C GLU C 33 -4.53 -21.72 5.19
N MET C 34 -4.53 -20.38 5.24
CA MET C 34 -5.62 -19.61 5.81
C MET C 34 -6.14 -18.64 4.75
N GLN C 35 -7.40 -18.28 4.85
CA GLN C 35 -8.08 -17.48 3.83
C GLN C 35 -8.47 -16.13 4.43
N ILE C 36 -7.68 -15.11 4.16
CA ILE C 36 -7.97 -13.77 4.64
C ILE C 36 -8.50 -12.94 3.47
N PRO C 37 -9.22 -11.85 3.71
CA PRO C 37 -9.85 -11.12 2.60
C PRO C 37 -8.88 -10.16 1.95
N GLY C 38 -8.84 -10.21 0.61
CA GLY C 38 -8.07 -9.26 -0.16
C GLY C 38 -6.71 -9.80 -0.53
N ARG C 39 -6.53 -10.22 -1.78
CA ARG C 39 -5.31 -10.85 -2.22
C ARG C 39 -4.83 -10.18 -3.50
N VAL C 40 -3.62 -9.64 -3.46
CA VAL C 40 -3.05 -8.90 -4.58
C VAL C 40 -2.34 -9.93 -5.48
N ASN C 41 -2.99 -10.29 -6.57
CA ASN C 41 -2.42 -11.23 -7.52
C ASN C 41 -1.64 -10.56 -8.63
N ASN C 42 -1.61 -9.23 -8.68
CA ASN C 42 -0.90 -8.51 -9.72
C ASN C 42 -0.65 -7.09 -9.22
N LEU C 43 0.23 -6.38 -9.90
CA LEU C 43 0.52 -4.99 -9.54
C LEU C 43 -0.26 -4.00 -10.38
N MET C 44 -1.04 -4.45 -11.35
CA MET C 44 -1.98 -3.57 -12.04
C MET C 44 -3.32 -3.48 -11.33
N GLU C 45 -3.58 -4.36 -10.37
CA GLU C 45 -4.74 -4.21 -9.51
C GLU C 45 -4.66 -2.91 -8.71
N ILE C 46 -3.44 -2.50 -8.36
CA ILE C 46 -3.26 -1.29 -7.56
C ILE C 46 -3.31 -0.03 -8.42
N ALA C 47 -2.82 -0.09 -9.66
CA ALA C 47 -2.81 1.10 -10.51
C ALA C 47 -4.21 1.56 -10.84
N GLU C 48 -5.14 0.63 -11.05
CA GLU C 48 -6.50 0.99 -11.44
C GLU C 48 -7.31 1.60 -10.31
N VAL C 49 -6.74 1.74 -9.12
CA VAL C 49 -7.38 2.48 -8.04
C VAL C 49 -7.07 3.96 -8.21
N ASP C 50 -7.99 4.81 -7.77
CA ASP C 50 -7.86 6.25 -7.95
C ASP C 50 -7.23 6.90 -6.72
N SER C 51 -6.42 7.92 -6.96
CA SER C 51 -5.74 8.65 -5.91
C SER C 51 -5.61 10.11 -6.33
N VAL C 52 -5.79 11.01 -5.36
CA VAL C 52 -5.77 12.44 -5.67
C VAL C 52 -4.39 12.85 -6.17
N VAL C 53 -4.34 14.02 -6.79
CA VAL C 53 -3.11 14.53 -7.41
C VAL C 53 -2.71 15.84 -6.74
N PRO C 54 -1.44 16.02 -6.40
CA PRO C 54 -0.98 17.29 -5.80
C PRO C 54 -0.71 18.37 -6.85
N VAL C 55 -1.77 18.80 -7.53
CA VAL C 55 -1.61 19.71 -8.66
C VAL C 55 -1.04 21.05 -8.20
N ASN C 56 -1.72 21.70 -7.25
CA ASN C 56 -1.33 23.04 -6.83
C ASN C 56 -0.13 22.99 -5.86
N ASN C 57 0.99 22.52 -6.39
CA ASN C 57 2.25 22.52 -5.65
C ASN C 57 3.08 23.71 -6.12
N THR C 58 3.50 24.55 -5.18
CA THR C 58 4.11 25.83 -5.50
C THR C 58 5.13 26.15 -4.42
N ASP C 59 5.50 27.44 -4.33
CA ASP C 59 6.58 27.90 -3.46
C ASP C 59 6.41 27.40 -2.03
N ASN C 60 5.25 27.64 -1.43
CA ASN C 60 5.00 27.27 -0.04
C ASN C 60 3.92 26.20 0.13
N ASN C 61 2.98 26.08 -0.81
CA ASN C 61 1.83 25.21 -0.65
C ASN C 61 2.17 23.74 -0.92
N VAL C 62 3.16 23.25 -0.18
CA VAL C 62 3.53 21.83 -0.27
C VAL C 62 3.59 21.14 1.08
N ASN C 63 3.79 21.85 2.19
CA ASN C 63 3.79 21.25 3.52
C ASN C 63 2.41 21.25 4.16
N GLY C 64 1.35 21.31 3.37
CA GLY C 64 0.00 21.26 3.87
C GLY C 64 -0.90 20.58 2.88
N LEU C 65 -2.16 20.39 3.28
CA LEU C 65 -3.17 19.81 2.40
C LEU C 65 -3.66 20.79 1.33
N LYS C 66 -3.06 21.96 1.23
CA LYS C 66 -3.44 22.93 0.21
C LYS C 66 -2.85 22.60 -1.15
N ALA C 67 -1.94 21.63 -1.22
CA ALA C 67 -1.38 21.24 -2.51
C ALA C 67 -2.26 20.25 -3.24
N TYR C 68 -3.45 19.97 -2.74
CA TYR C 68 -4.32 18.98 -3.34
C TYR C 68 -5.57 19.58 -3.96
N GLN C 69 -5.89 20.83 -3.66
CA GLN C 69 -7.13 21.45 -4.09
C GLN C 69 -6.85 22.59 -5.07
N ILE C 70 -7.47 22.52 -6.23
CA ILE C 70 -7.36 23.61 -7.21
C ILE C 70 -8.31 24.72 -6.81
N PRO C 71 -7.85 25.97 -6.76
CA PRO C 71 -8.75 27.06 -6.35
C PRO C 71 -9.51 27.66 -7.52
N VAL C 72 -10.83 27.72 -7.40
CA VAL C 72 -11.70 28.29 -8.43
C VAL C 72 -12.34 29.55 -7.87
N GLN C 73 -12.47 30.57 -8.71
CA GLN C 73 -13.02 31.85 -8.32
C GLN C 73 -14.26 32.17 -9.14
N SER C 74 -14.75 33.40 -8.97
CA SER C 74 -15.82 33.96 -9.77
C SER C 74 -15.38 35.35 -10.22
N ASN C 75 -14.99 35.46 -11.49
CA ASN C 75 -14.29 36.63 -11.99
C ASN C 75 -15.05 37.23 -13.16
N SER C 76 -14.60 38.41 -13.60
CA SER C 76 -15.31 39.17 -14.65
C SER C 76 -14.93 38.67 -16.05
N ASP C 77 -13.65 38.79 -16.40
CA ASP C 77 -13.23 38.46 -17.76
C ASP C 77 -13.13 36.95 -17.93
N ASN C 78 -13.91 36.42 -18.87
CA ASN C 78 -13.95 34.99 -19.12
C ASN C 78 -12.68 34.51 -19.83
N ARG C 79 -12.60 33.20 -20.01
CA ARG C 79 -11.48 32.46 -20.63
C ARG C 79 -10.28 32.33 -19.70
N ARG C 80 -10.46 32.54 -18.39
CA ARG C 80 -9.34 32.35 -17.48
C ARG C 80 -8.99 30.87 -17.35
N GLN C 81 -7.70 30.59 -17.23
CA GLN C 81 -7.24 29.23 -17.01
C GLN C 81 -7.27 28.88 -15.53
N VAL C 82 -7.48 27.61 -15.23
CA VAL C 82 -7.53 27.13 -13.85
C VAL C 82 -6.28 26.34 -13.49
N PHE C 83 -5.76 25.52 -14.40
CA PHE C 83 -4.58 24.74 -14.12
C PHE C 83 -4.05 24.09 -15.40
N GLY C 84 -2.90 23.44 -15.31
CA GLY C 84 -2.34 22.75 -16.46
C GLY C 84 -0.99 22.16 -16.10
N PHE C 85 -0.63 21.10 -16.82
CA PHE C 85 0.63 20.42 -16.61
C PHE C 85 0.85 19.47 -17.79
N PRO C 86 2.10 19.12 -18.07
CA PRO C 86 2.39 18.15 -19.14
C PRO C 86 2.01 16.75 -18.69
N LEU C 87 1.80 15.88 -19.68
CA LEU C 87 1.38 14.50 -19.43
C LEU C 87 2.61 13.59 -19.49
N GLN C 88 3.08 13.17 -18.33
CA GLN C 88 4.21 12.26 -18.23
C GLN C 88 4.13 11.53 -16.90
N PRO C 89 3.50 10.35 -16.86
CA PRO C 89 3.46 9.57 -15.62
C PRO C 89 4.85 9.16 -15.20
N GLY C 90 5.19 9.41 -13.94
CA GLY C 90 6.50 9.06 -13.42
C GLY C 90 7.64 9.93 -13.90
N ALA C 91 7.37 10.95 -14.70
CA ALA C 91 8.41 11.86 -15.16
C ALA C 91 8.15 13.28 -14.68
N ASN C 92 6.91 13.76 -14.88
CA ASN C 92 6.58 15.11 -14.48
C ASN C 92 6.62 15.25 -12.97
N ASN C 93 6.72 16.49 -12.50
CA ASN C 93 6.83 16.77 -11.08
C ASN C 93 5.49 16.67 -10.35
N VAL C 94 4.41 16.34 -11.03
CA VAL C 94 3.09 16.26 -10.42
C VAL C 94 2.60 14.82 -10.31
N LEU C 95 2.90 14.00 -11.31
CA LEU C 95 2.39 12.63 -11.30
C LEU C 95 3.46 11.63 -10.88
N ASN C 96 4.65 12.12 -10.51
CA ASN C 96 5.74 11.21 -10.18
C ASN C 96 5.64 10.73 -8.74
N ARG C 97 4.56 11.07 -8.05
CA ARG C 97 4.44 10.73 -6.63
C ARG C 97 3.14 10.01 -6.31
N THR C 98 2.14 10.08 -7.17
CA THR C 98 0.85 9.47 -6.89
C THR C 98 0.94 7.95 -6.96
N LEU C 99 -0.21 7.30 -6.78
CA LEU C 99 -0.25 5.84 -6.72
C LEU C 99 0.18 5.23 -8.05
N LEU C 100 -0.12 5.90 -9.16
CA LEU C 100 0.34 5.42 -10.47
C LEU C 100 1.77 5.86 -10.74
N GLY C 101 2.23 6.90 -10.05
CA GLY C 101 3.59 7.37 -10.25
C GLY C 101 4.61 6.60 -9.43
N GLU C 102 4.16 5.92 -8.39
CA GLU C 102 5.10 5.17 -7.56
C GLU C 102 5.21 3.72 -8.02
N ILE C 103 4.23 3.25 -8.80
CA ILE C 103 4.35 1.91 -9.38
C ILE C 103 5.02 1.98 -10.73
N LEU C 104 4.88 3.11 -11.42
CA LEU C 104 5.43 3.24 -12.77
C LEU C 104 6.92 3.54 -12.74
N ASN C 105 7.49 3.69 -11.55
CA ASN C 105 8.92 3.99 -11.45
C ASN C 105 9.73 2.72 -11.23
N TYR C 106 9.06 1.59 -11.01
CA TYR C 106 9.78 0.33 -10.89
C TYR C 106 10.06 -0.28 -12.25
N TYR C 107 9.53 0.32 -13.31
CA TYR C 107 9.68 -0.20 -14.66
C TYR C 107 10.30 0.85 -15.57
N THR C 108 10.34 0.54 -16.86
CA THR C 108 10.95 1.44 -17.85
C THR C 108 10.01 1.80 -18.99
N HIS C 109 9.05 0.93 -19.31
CA HIS C 109 8.12 1.19 -20.39
C HIS C 109 6.68 1.24 -19.86
N TRP C 110 5.75 1.63 -20.74
CA TRP C 110 4.33 1.63 -20.42
C TRP C 110 3.51 2.00 -21.65
N SER C 111 2.26 1.55 -21.71
CA SER C 111 1.39 1.80 -22.85
C SER C 111 -0.05 1.57 -22.45
N GLY C 112 -0.88 2.60 -22.59
CA GLY C 112 -2.28 2.48 -22.25
C GLY C 112 -2.94 3.84 -22.12
N SER C 113 -4.06 3.84 -21.41
CA SER C 113 -4.90 5.02 -21.25
C SER C 113 -4.82 5.53 -19.81
N ILE C 114 -5.55 6.60 -19.55
CA ILE C 114 -5.59 7.21 -18.21
C ILE C 114 -6.95 7.87 -18.02
N LYS C 115 -7.54 7.65 -16.85
CA LYS C 115 -8.82 8.24 -16.48
C LYS C 115 -8.59 9.33 -15.44
N LEU C 116 -8.91 10.56 -15.77
CA LEU C 116 -8.76 11.68 -14.85
C LEU C 116 -10.14 12.11 -14.37
N THR C 117 -10.36 12.02 -13.07
CA THR C 117 -11.64 12.35 -12.44
C THR C 117 -11.53 13.68 -11.70
N PHE C 118 -12.64 14.41 -11.67
CA PHE C 118 -12.71 15.68 -10.95
C PHE C 118 -13.91 15.65 -10.01
N MET C 119 -13.95 16.61 -9.09
CA MET C 119 -15.05 16.69 -8.13
C MET C 119 -15.17 18.14 -7.66
N PHE C 120 -16.19 18.84 -8.17
CA PHE C 120 -16.48 20.18 -7.69
C PHE C 120 -17.01 20.12 -6.28
N CYS C 121 -16.30 20.74 -5.34
CA CYS C 121 -16.65 20.69 -3.93
C CYS C 121 -17.17 22.02 -3.40
N GLY C 122 -17.96 22.74 -4.19
CA GLY C 122 -18.54 23.98 -3.73
C GLY C 122 -19.92 23.77 -3.11
N SER C 123 -20.52 24.88 -2.70
CA SER C 123 -21.84 24.84 -2.09
C SER C 123 -22.87 24.33 -3.09
N ALA C 124 -24.07 24.02 -2.56
CA ALA C 124 -25.11 23.43 -3.40
C ALA C 124 -25.83 24.50 -4.20
N MET C 125 -25.49 25.77 -4.00
CA MET C 125 -26.07 26.84 -4.82
C MET C 125 -25.09 27.27 -5.91
N ALA C 126 -23.95 26.61 -6.00
CA ALA C 126 -22.94 26.99 -6.97
C ALA C 126 -23.23 26.35 -8.33
N THR C 127 -22.66 26.94 -9.37
CA THR C 127 -22.91 26.51 -10.74
C THR C 127 -21.71 26.88 -11.60
N GLY C 128 -21.62 26.25 -12.76
CA GLY C 128 -20.56 26.57 -13.70
C GLY C 128 -20.28 25.41 -14.63
N LYS C 129 -19.61 25.74 -15.73
CA LYS C 129 -19.16 24.75 -16.69
C LYS C 129 -17.65 24.87 -16.85
N PHE C 130 -17.04 23.82 -17.39
CA PHE C 130 -15.60 23.77 -17.54
C PHE C 130 -15.24 23.00 -18.80
N LEU C 131 -14.03 23.25 -19.28
CA LEU C 131 -13.49 22.58 -20.45
C LEU C 131 -12.21 21.83 -20.08
N LEU C 132 -11.97 20.70 -20.73
CA LEU C 132 -10.85 19.82 -20.38
C LEU C 132 -10.25 19.32 -21.68
N ALA C 133 -9.04 19.77 -22.00
CA ALA C 133 -8.43 19.51 -23.31
C ALA C 133 -7.10 18.77 -23.15
N TYR C 134 -6.82 17.89 -24.11
CA TYR C 134 -5.56 17.17 -24.19
C TYR C 134 -5.01 17.33 -25.59
N SER C 135 -3.96 18.15 -25.74
CA SER C 135 -3.40 18.45 -27.04
C SER C 135 -2.14 17.64 -27.26
N PRO C 136 -2.11 16.72 -28.22
CA PRO C 136 -0.89 15.95 -28.48
C PRO C 136 0.23 16.86 -28.93
N PRO C 137 1.48 16.43 -28.80
CA PRO C 137 2.60 17.35 -29.02
C PRO C 137 2.95 17.58 -30.48
N GLY C 138 2.54 18.71 -31.03
CA GLY C 138 3.17 19.27 -32.21
C GLY C 138 3.53 20.70 -31.91
N ALA C 139 2.76 21.30 -31.01
CA ALA C 139 2.99 22.63 -30.46
C ALA C 139 2.15 22.74 -29.18
N GLY C 140 2.80 22.86 -28.03
CA GLY C 140 2.13 22.70 -26.76
C GLY C 140 1.76 24.03 -26.10
N VAL C 141 1.31 23.91 -24.86
CA VAL C 141 0.82 24.99 -23.99
C VAL C 141 -0.02 25.99 -24.77
N PRO C 142 -1.22 25.61 -25.21
CA PRO C 142 -2.10 26.56 -25.91
C PRO C 142 -2.40 27.77 -25.03
N LYS C 143 -2.15 28.96 -25.58
CA LYS C 143 -2.28 30.19 -24.80
C LYS C 143 -3.74 30.57 -24.62
N ASN C 144 -4.52 30.52 -25.70
CA ASN C 144 -5.91 30.90 -25.64
C ASN C 144 -6.79 29.68 -25.39
N ARG C 145 -8.08 29.92 -25.16
CA ARG C 145 -9.02 28.81 -25.08
C ARG C 145 -9.31 28.24 -26.46
N ARG C 146 -9.40 29.10 -27.46
CA ARG C 146 -9.72 28.63 -28.80
C ARG C 146 -8.58 27.81 -29.40
N ASP C 147 -7.37 27.97 -28.88
CA ASP C 147 -6.26 27.13 -29.34
C ASP C 147 -6.40 25.72 -28.79
N ALA C 148 -6.93 25.57 -27.59
CA ALA C 148 -7.08 24.26 -26.97
C ALA C 148 -8.33 23.53 -27.43
N MET C 149 -9.36 24.26 -27.84
CA MET C 149 -10.62 23.63 -28.25
C MET C 149 -10.47 22.78 -29.50
N LEU C 150 -9.38 22.93 -30.25
CA LEU C 150 -9.21 22.14 -31.45
C LEU C 150 -8.83 20.70 -31.13
N GLY C 151 -8.09 20.49 -30.04
CA GLY C 151 -7.72 19.15 -29.64
C GLY C 151 -8.88 18.40 -29.02
N THR C 152 -8.55 17.25 -28.45
CA THR C 152 -9.56 16.45 -27.76
C THR C 152 -9.99 17.14 -26.47
N HIS C 153 -11.29 17.18 -26.23
CA HIS C 153 -11.80 17.93 -25.08
C HIS C 153 -13.15 17.35 -24.66
N VAL C 154 -13.70 17.93 -23.59
CA VAL C 154 -15.01 17.55 -23.06
C VAL C 154 -15.53 18.74 -22.27
N ILE C 155 -16.85 18.82 -22.11
CA ILE C 155 -17.48 19.92 -21.41
C ILE C 155 -18.25 19.36 -20.22
N TRP C 156 -17.92 19.83 -19.03
CA TRP C 156 -18.48 19.32 -17.78
C TRP C 156 -19.19 20.44 -17.04
N ASP C 157 -20.37 20.15 -16.52
CA ASP C 157 -21.15 21.10 -15.74
C ASP C 157 -21.49 20.52 -14.38
N VAL C 158 -21.50 21.37 -13.36
CA VAL C 158 -21.53 20.91 -11.97
C VAL C 158 -22.95 20.70 -11.49
N GLY C 159 -23.07 19.96 -10.38
CA GLY C 159 -24.34 19.79 -9.69
C GLY C 159 -24.96 18.42 -9.84
N LEU C 160 -25.33 17.78 -8.72
CA LEU C 160 -26.08 16.53 -8.81
C LEU C 160 -25.29 15.43 -9.52
N GLN C 161 -24.34 14.81 -8.82
CA GLN C 161 -23.32 13.93 -9.39
C GLN C 161 -22.33 14.74 -10.24
N SER C 162 -21.62 15.63 -9.55
CA SER C 162 -20.76 16.61 -10.20
C SER C 162 -19.57 15.95 -10.88
N SER C 163 -19.03 14.88 -10.30
CA SER C 163 -17.74 14.37 -10.74
C SER C 163 -17.79 13.87 -12.18
N CYS C 164 -16.85 14.35 -12.98
CA CYS C 164 -16.74 13.99 -14.39
C CYS C 164 -15.37 13.39 -14.67
N VAL C 165 -15.33 12.46 -15.62
CA VAL C 165 -14.12 11.70 -15.92
C VAL C 165 -13.70 11.98 -17.36
N LEU C 166 -12.52 12.54 -17.54
CA LEU C 166 -11.89 12.70 -18.84
C LEU C 166 -10.99 11.51 -19.11
N CYS C 167 -11.09 10.94 -20.30
CA CYS C 167 -10.32 9.76 -20.68
C CYS C 167 -9.27 10.16 -21.69
N VAL C 168 -8.02 10.28 -21.23
CA VAL C 168 -6.89 10.54 -22.11
C VAL C 168 -6.65 9.27 -22.91
N PRO C 169 -6.88 9.27 -24.22
CA PRO C 169 -6.66 8.06 -25.00
C PRO C 169 -5.18 7.80 -25.20
N TRP C 170 -4.84 6.78 -25.99
CA TRP C 170 -3.45 6.43 -26.27
C TRP C 170 -3.20 6.72 -27.75
N ILE C 171 -2.36 7.72 -28.02
CA ILE C 171 -2.05 8.13 -29.39
C ILE C 171 -0.54 8.30 -29.45
N SER C 172 0.16 7.29 -29.97
CA SER C 172 1.59 7.36 -30.14
C SER C 172 2.00 6.50 -31.32
N GLN C 173 3.07 6.90 -32.00
CA GLN C 173 3.56 6.13 -33.14
C GLN C 173 4.00 4.74 -32.69
N THR C 174 4.93 4.67 -31.73
CA THR C 174 5.46 3.41 -31.26
C THR C 174 4.42 2.68 -30.42
N HIS C 175 4.86 1.55 -29.84
CA HIS C 175 3.95 0.75 -29.02
C HIS C 175 4.05 1.13 -27.55
N TYR C 176 5.25 1.49 -27.09
CA TYR C 176 5.49 1.80 -25.69
C TYR C 176 6.07 3.20 -25.55
N ARG C 177 6.45 3.53 -24.32
CA ARG C 177 7.01 4.82 -23.97
C ARG C 177 7.96 4.66 -22.80
N TYR C 178 8.71 5.72 -22.51
CA TYR C 178 9.69 5.71 -21.43
C TYR C 178 9.15 6.49 -20.25
N VAL C 179 9.28 5.93 -19.04
CA VAL C 179 8.89 6.66 -17.84
C VAL C 179 9.79 7.87 -17.64
N VAL C 180 11.06 7.74 -18.00
CA VAL C 180 11.97 8.88 -17.90
C VAL C 180 11.58 9.95 -18.90
N GLU C 181 12.10 11.15 -18.69
CA GLU C 181 11.79 12.29 -19.56
C GLU C 181 12.65 12.19 -20.80
N ASP C 182 12.07 11.69 -21.89
CA ASP C 182 12.76 11.51 -23.16
C ASP C 182 12.07 12.36 -24.22
N GLU C 183 12.84 13.25 -24.84
CA GLU C 183 12.28 14.20 -25.81
C GLU C 183 11.84 13.54 -27.11
N TYR C 184 12.28 12.32 -27.39
CA TYR C 184 11.83 11.65 -28.60
C TYR C 184 10.43 11.07 -28.45
N THR C 185 10.10 10.62 -27.24
CA THR C 185 8.84 9.93 -26.99
C THR C 185 7.96 10.72 -26.02
N ALA C 186 7.86 12.03 -26.25
CA ALA C 186 6.98 12.87 -25.47
C ALA C 186 5.52 12.41 -25.61
N ALA C 187 4.67 12.92 -24.73
CA ALA C 187 3.28 12.47 -24.67
C ALA C 187 2.30 13.56 -25.08
N GLY C 188 2.33 14.70 -24.42
CA GLY C 188 1.36 15.74 -24.72
C GLY C 188 1.21 16.70 -23.55
N TYR C 189 0.00 17.23 -23.41
CA TYR C 189 -0.30 18.24 -22.39
C TYR C 189 -1.73 18.03 -21.90
N VAL C 190 -2.09 18.77 -20.85
CA VAL C 190 -3.43 18.71 -20.27
C VAL C 190 -3.77 20.07 -19.68
N THR C 191 -4.95 20.58 -19.99
CA THR C 191 -5.35 21.90 -19.53
C THR C 191 -6.86 21.91 -19.30
N CYS C 192 -7.32 22.94 -18.59
CA CYS C 192 -8.73 23.13 -18.28
C CYS C 192 -9.01 24.63 -18.23
N TRP C 193 -10.09 25.04 -18.91
CA TRP C 193 -10.38 26.46 -19.09
C TRP C 193 -11.80 26.77 -18.64
N TYR C 194 -12.05 28.04 -18.35
CA TYR C 194 -13.37 28.49 -17.93
C TYR C 194 -14.32 28.55 -19.11
N GLN C 195 -15.25 27.61 -19.17
CA GLN C 195 -16.29 27.64 -20.19
C GLN C 195 -17.41 28.61 -19.86
N THR C 196 -17.63 28.90 -18.57
CA THR C 196 -18.63 29.84 -18.10
C THR C 196 -18.28 30.18 -16.66
N ASN C 197 -18.62 31.39 -16.25
CA ASN C 197 -18.20 31.86 -14.93
C ASN C 197 -18.86 31.02 -13.82
N ILE C 198 -18.43 31.29 -12.59
CA ILE C 198 -19.00 30.68 -11.40
C ILE C 198 -19.97 31.68 -10.81
N ILE C 199 -21.27 31.38 -10.93
CA ILE C 199 -22.33 32.27 -10.46
C ILE C 199 -22.85 31.74 -9.13
N VAL C 200 -23.19 32.64 -8.22
CA VAL C 200 -23.63 32.24 -6.89
C VAL C 200 -24.61 33.28 -6.34
N PRO C 201 -25.66 32.85 -5.64
CA PRO C 201 -26.54 33.82 -4.96
C PRO C 201 -25.80 34.50 -3.82
N ALA C 202 -26.46 35.47 -3.21
CA ALA C 202 -25.87 36.19 -2.11
C ALA C 202 -25.76 35.31 -0.87
N ASP C 203 -24.89 35.72 0.04
CA ASP C 203 -24.66 34.99 1.30
C ASP C 203 -24.07 33.60 1.05
N VAL C 204 -23.11 33.52 0.13
CA VAL C 204 -22.41 32.29 -0.18
C VAL C 204 -20.97 32.64 -0.54
N GLN C 205 -20.02 32.00 0.14
CA GLN C 205 -18.61 32.24 -0.17
C GLN C 205 -18.32 31.81 -1.60
N SER C 206 -17.67 32.69 -2.35
CA SER C 206 -17.48 32.51 -3.79
C SER C 206 -16.29 31.62 -4.13
N THR C 207 -15.33 31.47 -3.24
CA THR C 207 -14.15 30.65 -3.51
C THR C 207 -14.49 29.19 -3.27
N CYS C 208 -14.39 28.37 -4.31
CA CYS C 208 -14.70 26.95 -4.24
C CYS C 208 -13.58 26.15 -4.89
N ASP C 209 -13.18 25.06 -4.25
CA ASP C 209 -12.04 24.27 -4.69
C ASP C 209 -12.49 22.99 -5.39
N ILE C 210 -11.53 22.32 -6.02
CA ILE C 210 -11.79 21.10 -6.78
C ILE C 210 -10.62 20.15 -6.58
N LEU C 211 -10.92 18.86 -6.52
CA LEU C 211 -9.92 17.82 -6.36
C LEU C 211 -9.80 17.02 -7.66
N CYS C 212 -8.58 16.62 -7.99
CA CYS C 212 -8.27 15.97 -9.26
C CYS C 212 -7.69 14.59 -9.00
N PHE C 213 -8.44 13.55 -9.37
CA PHE C 213 -8.01 12.17 -9.22
C PHE C 213 -7.34 11.69 -10.50
N VAL C 214 -6.67 10.55 -10.40
CA VAL C 214 -5.99 9.95 -11.55
C VAL C 214 -5.96 8.44 -11.36
N SER C 215 -6.10 7.72 -12.47
CA SER C 215 -6.14 6.26 -12.44
C SER C 215 -5.80 5.72 -13.81
N ALA C 216 -5.55 4.42 -13.87
CA ALA C 216 -5.21 3.75 -15.12
C ALA C 216 -6.44 3.07 -15.71
N CYS C 217 -6.40 2.88 -17.02
CA CYS C 217 -7.50 2.23 -17.73
C CYS C 217 -7.23 0.73 -17.77
N ASN C 218 -7.98 -0.01 -18.59
CA ASN C 218 -7.85 -1.45 -18.62
C ASN C 218 -6.95 -1.96 -19.74
N ASP C 219 -6.58 -1.12 -20.70
CA ASP C 219 -5.55 -1.48 -21.67
C ASP C 219 -4.19 -0.92 -21.28
N PHE C 220 -3.72 -1.25 -20.08
CA PHE C 220 -2.47 -0.73 -19.53
C PHE C 220 -1.49 -1.88 -19.33
N SER C 221 -0.19 -1.57 -19.39
CA SER C 221 0.82 -2.57 -19.12
C SER C 221 2.15 -1.88 -18.85
N VAL C 222 3.15 -2.67 -18.45
CA VAL C 222 4.48 -2.21 -18.12
C VAL C 222 5.49 -3.26 -18.56
N ARG C 223 6.78 -2.97 -18.36
CA ARG C 223 7.83 -3.84 -18.83
C ARG C 223 9.17 -3.39 -18.26
N MET C 224 10.17 -4.26 -18.39
CA MET C 224 11.58 -3.94 -18.15
C MET C 224 11.79 -3.43 -16.73
N LEU C 225 11.62 -4.35 -15.78
CA LEU C 225 11.72 -4.04 -14.36
C LEU C 225 13.08 -3.47 -14.00
N LYS C 226 13.07 -2.40 -13.20
CA LYS C 226 14.29 -1.70 -12.80
C LYS C 226 14.19 -1.35 -11.32
N ASP C 227 15.10 -0.48 -10.87
CA ASP C 227 15.09 -0.05 -9.48
C ASP C 227 14.78 1.43 -9.38
N THR C 228 13.90 1.78 -8.45
CA THR C 228 13.43 3.16 -8.35
C THR C 228 14.47 4.04 -7.67
N PRO C 229 14.65 5.28 -8.13
CA PRO C 229 15.68 6.16 -7.58
C PRO C 229 15.27 6.99 -6.37
N PHE C 230 14.10 6.74 -5.78
CA PHE C 230 13.66 7.58 -4.69
C PHE C 230 14.37 7.25 -3.39
N ILE C 231 14.25 6.03 -2.91
CA ILE C 231 14.90 5.60 -1.68
C ILE C 231 16.40 5.58 -1.89
N ARG C 232 17.13 6.09 -0.89
CA ARG C 232 18.58 6.08 -0.93
C ARG C 232 19.10 5.92 0.48
N GLN C 233 20.01 4.97 0.67
CA GLN C 233 20.50 4.60 2.00
C GLN C 233 21.97 4.95 2.13
N ASP C 234 22.37 5.38 3.33
CA ASP C 234 23.75 5.74 3.61
C ASP C 234 24.50 4.70 4.42
N ASN C 235 23.84 4.04 5.36
CA ASN C 235 24.51 3.04 6.18
C ASN C 235 23.46 2.14 6.82
N PHE C 236 23.92 0.99 7.32
CA PHE C 236 23.02 0.02 7.92
C PHE C 236 22.39 0.57 9.19
N TYR C 237 21.05 0.55 9.25
CA TYR C 237 20.32 1.12 10.37
C TYR C 237 20.50 0.24 11.60
N GLN C 238 21.36 0.67 12.51
CA GLN C 238 21.53 -0.04 13.77
C GLN C 238 20.30 0.13 14.64
N GLY D 1 8.42 -38.04 -12.85
CA GLY D 1 7.40 -37.10 -13.29
C GLY D 1 7.95 -35.95 -14.10
N ALA D 2 7.77 -36.02 -15.42
CA ALA D 2 8.18 -34.97 -16.34
C ALA D 2 6.96 -34.43 -17.06
N GLN D 3 6.88 -33.11 -17.19
CA GLN D 3 5.81 -32.46 -17.93
C GLN D 3 6.40 -31.65 -19.08
N VAL D 4 5.80 -31.79 -20.25
CA VAL D 4 6.18 -31.02 -21.43
C VAL D 4 5.17 -29.90 -21.60
N SER D 5 5.54 -28.71 -21.17
CA SER D 5 4.63 -27.57 -21.17
C SER D 5 5.05 -26.57 -22.23
N THR D 6 4.36 -25.42 -22.24
CA THR D 6 4.60 -24.40 -23.26
C THR D 6 5.67 -23.41 -22.81
N GLN D 7 6.06 -22.51 -23.71
CA GLN D 7 7.07 -21.50 -23.44
C GLN D 7 6.47 -20.12 -23.63
N LYS D 8 7.31 -19.10 -23.43
CA LYS D 8 6.88 -17.70 -23.52
C LYS D 8 7.29 -17.15 -24.88
N THR D 9 6.33 -17.02 -25.79
CA THR D 9 6.58 -16.55 -27.14
C THR D 9 6.03 -15.14 -27.31
N GLY D 10 6.65 -14.39 -28.23
CA GLY D 10 6.26 -13.01 -28.46
C GLY D 10 4.87 -12.84 -29.06
N ALA D 11 4.69 -13.34 -30.28
CA ALA D 11 3.39 -13.29 -30.96
C ALA D 11 2.97 -11.87 -31.26
N ILE D 24 7.97 -22.50 -27.93
CA ILE D 24 7.29 -23.78 -28.05
C ILE D 24 7.29 -24.53 -26.72
N HIS D 25 7.72 -25.80 -26.72
CA HIS D 25 7.65 -26.66 -25.56
C HIS D 25 8.98 -26.62 -24.81
N TYR D 26 9.00 -27.19 -23.61
CA TYR D 26 10.21 -27.33 -22.82
C TYR D 26 9.94 -28.29 -21.67
N THR D 27 10.84 -29.26 -21.48
CA THR D 27 10.63 -30.30 -20.49
C THR D 27 11.05 -29.82 -19.10
N ASN D 28 10.75 -30.64 -18.09
CA ASN D 28 11.02 -30.28 -16.72
C ASN D 28 10.83 -31.51 -15.83
N ILE D 29 11.71 -31.64 -14.83
CA ILE D 29 11.65 -32.74 -13.89
C ILE D 29 12.03 -32.22 -12.51
N ASN D 30 11.46 -32.83 -11.48
CA ASN D 30 11.83 -32.54 -10.10
C ASN D 30 12.70 -33.68 -9.57
N TYR D 31 13.66 -33.33 -8.72
CA TYR D 31 14.66 -34.29 -8.26
C TYR D 31 14.76 -34.43 -6.75
N TYR D 32 13.89 -33.80 -5.97
CA TYR D 32 14.06 -33.76 -4.53
C TYR D 32 12.81 -34.28 -3.84
N LYS D 33 12.85 -34.30 -2.50
CA LYS D 33 11.74 -34.81 -1.69
C LYS D 33 10.76 -33.71 -1.33
N ASP D 34 11.27 -32.57 -0.86
CA ASP D 34 10.43 -31.50 -0.39
C ASP D 34 9.76 -30.78 -1.56
N ALA D 35 9.03 -29.71 -1.23
CA ALA D 35 8.40 -28.86 -2.22
C ALA D 35 9.06 -27.50 -2.35
N ALA D 36 9.98 -27.17 -1.45
CA ALA D 36 10.70 -25.90 -1.50
C ALA D 36 11.93 -25.96 -2.38
N SER D 37 12.15 -27.06 -3.10
CA SER D 37 13.27 -27.16 -4.01
C SER D 37 12.87 -26.95 -5.47
N ASN D 38 11.58 -26.83 -5.76
CA ASN D 38 11.15 -26.56 -7.12
C ASN D 38 11.44 -25.11 -7.49
N SER D 39 11.14 -24.76 -8.73
CA SER D 39 11.33 -23.40 -9.20
C SER D 39 10.06 -22.59 -9.02
N ALA D 40 10.18 -21.27 -9.21
CA ALA D 40 9.05 -20.38 -9.01
C ALA D 40 7.93 -20.67 -9.99
N ASN D 41 6.72 -20.24 -9.64
CA ASN D 41 5.55 -20.39 -10.50
C ASN D 41 5.37 -19.15 -11.37
N ARG D 42 6.42 -18.84 -12.13
CA ARG D 42 6.39 -17.64 -12.97
C ARG D 42 5.29 -17.71 -14.01
N GLN D 43 5.07 -18.88 -14.61
CA GLN D 43 4.09 -19.04 -15.69
C GLN D 43 2.68 -19.22 -15.12
N ASP D 44 2.25 -18.21 -14.37
CA ASP D 44 0.91 -18.19 -13.80
C ASP D 44 0.43 -16.75 -13.72
N PHE D 45 -0.70 -16.45 -14.35
CA PHE D 45 -1.27 -15.11 -14.39
C PHE D 45 -2.77 -15.21 -14.12
N THR D 46 -3.21 -14.67 -12.98
CA THR D 46 -4.61 -14.68 -12.60
C THR D 46 -4.99 -13.30 -12.09
N GLN D 47 -5.97 -12.66 -12.74
CA GLN D 47 -6.37 -11.31 -12.42
C GLN D 47 -7.81 -11.27 -11.91
N ASP D 48 -8.05 -10.41 -10.92
CA ASP D 48 -9.39 -10.07 -10.46
C ASP D 48 -9.37 -8.67 -9.86
N PRO D 49 -9.94 -7.68 -10.53
CA PRO D 49 -9.84 -6.31 -10.03
C PRO D 49 -11.01 -5.90 -9.13
N GLY D 50 -12.08 -6.69 -9.13
CA GLY D 50 -13.30 -6.29 -8.45
C GLY D 50 -13.16 -6.07 -6.95
N LYS D 51 -12.12 -6.63 -6.34
CA LYS D 51 -11.97 -6.51 -4.89
C LYS D 51 -11.60 -5.09 -4.48
N PHE D 52 -10.70 -4.45 -5.22
CA PHE D 52 -10.21 -3.12 -4.87
C PHE D 52 -10.97 -2.01 -5.55
N THR D 53 -11.12 -2.07 -6.87
CA THR D 53 -12.01 -1.15 -7.56
C THR D 53 -13.43 -1.67 -7.50
N GLU D 54 -14.37 -0.78 -7.20
CA GLU D 54 -15.77 -1.15 -7.07
C GLU D 54 -15.97 -2.18 -5.95
N PRO D 55 -15.80 -1.80 -4.69
CA PRO D 55 -16.21 -2.67 -3.58
C PRO D 55 -17.62 -2.45 -3.08
N VAL D 56 -18.43 -1.67 -3.79
CA VAL D 56 -19.75 -1.25 -3.31
C VAL D 56 -20.68 -2.46 -3.19
N LYS D 57 -21.81 -2.26 -2.50
CA LYS D 57 -22.79 -3.33 -2.33
C LYS D 57 -23.73 -3.41 -3.53
N ASP D 58 -24.42 -2.32 -3.82
CA ASP D 58 -25.26 -2.27 -5.01
C ASP D 58 -24.39 -2.15 -6.26
N ILE D 59 -24.73 -2.93 -7.29
CA ILE D 59 -23.96 -2.89 -8.52
C ILE D 59 -24.37 -1.69 -9.34
N MET D 60 -23.39 -0.98 -9.89
CA MET D 60 -23.61 0.25 -10.63
C MET D 60 -23.16 0.09 -12.07
N ILE D 61 -24.08 0.30 -13.00
CA ILE D 61 -23.77 0.30 -14.43
C ILE D 61 -23.45 1.71 -14.86
N LYS D 62 -22.57 1.85 -15.85
CA LYS D 62 -22.03 3.17 -16.18
C LYS D 62 -23.02 3.99 -17.00
N SER D 63 -24.07 3.36 -17.53
CA SER D 63 -25.07 4.10 -18.29
C SER D 63 -25.99 4.88 -17.38
N MET D 64 -26.58 4.21 -16.39
CA MET D 64 -27.49 4.88 -15.49
C MET D 64 -26.75 5.93 -14.67
N PRO D 65 -27.42 6.99 -14.23
CA PRO D 65 -26.75 7.99 -13.40
C PRO D 65 -26.27 7.39 -12.09
N ALA D 66 -25.30 8.07 -11.47
CA ALA D 66 -24.67 7.50 -10.28
C ALA D 66 -25.64 7.48 -9.10
N LEU D 67 -26.10 8.65 -8.67
CA LEU D 67 -26.95 8.77 -7.49
C LEU D 67 -28.33 9.25 -7.93
N ASN D 68 -29.21 8.32 -8.24
CA ASN D 68 -30.58 8.64 -8.65
C ASN D 68 -30.62 9.47 -9.92
C1 PLM E . 10.66 -10.84 9.35
O1 PLM E . 10.99 -11.60 10.30
O2 PLM E . 10.91 -9.62 9.19
C2 PLM E . 9.81 -11.55 8.23
C3 PLM E . 10.58 -12.41 7.23
C4 PLM E . 12.05 -12.73 7.60
C5 PLM E . 12.71 -13.73 6.65
C6 PLM E . 12.42 -15.19 6.97
C7 PLM E . 13.48 -15.84 7.87
C8 PLM E . 14.66 -16.48 7.14
C9 PLM E . 15.25 -17.69 7.85
CA PLM E . 16.69 -18.01 7.46
CB PLM E . 17.00 -19.50 7.41
CC PLM E . 18.48 -19.82 7.52
CD PLM E . 18.90 -21.08 6.76
CE PLM E . 20.36 -21.49 7.05
CF PLM E . 20.88 -22.59 6.14
CG PLM E . 22.41 -22.75 6.22
H21 PLM E . 9.26 -10.76 7.70
H22 PLM E . 9.05 -12.15 8.74
H31 PLM E . 10.03 -13.34 7.09
H32 PLM E . 10.55 -11.92 6.25
H41 PLM E . 12.10 -13.12 8.62
H42 PLM E . 12.64 -11.80 7.60
H51 PLM E . 13.79 -13.56 6.67
H52 PLM E . 12.40 -13.51 5.62
H61 PLM E . 12.32 -15.75 6.04
H62 PLM E . 11.44 -15.26 7.47
H71 PLM E . 13.00 -16.59 8.51
H72 PLM E . 13.86 -15.08 8.56
H81 PLM E . 15.44 -15.74 7.00
H82 PLM E . 14.34 -16.78 6.13
H91 PLM E . 14.63 -18.57 7.64
H92 PLM E . 15.20 -17.53 8.92
HA1 PLM E . 17.36 -17.52 8.16
HA2 PLM E . 16.89 -17.56 6.49
HB1 PLM E . 16.60 -19.93 6.48
HB2 PLM E . 16.46 -20.00 8.22
HC1 PLM E . 18.75 -19.94 8.57
HC2 PLM E . 19.06 -18.97 7.15
HD1 PLM E . 18.78 -20.92 5.69
HD2 PLM E . 18.24 -21.91 7.03
HE1 PLM E . 20.44 -21.83 8.07
HE2 PLM E . 21.01 -20.61 6.97
HF1 PLM E . 20.60 -22.37 5.11
HF2 PLM E . 20.40 -23.53 6.39
HG1 PLM E . 22.75 -23.63 5.70
HG2 PLM E . 22.74 -22.84 7.25
HG3 PLM E . 22.92 -21.89 5.78
C1 MYR F . 7.52 -38.14 -16.38
O1 MYR F . 7.18 -37.14 -15.72
O2 MYR F . 7.70 -38.03 -17.62
C2 MYR F . 7.71 -39.46 -15.70
C3 MYR F . 9.19 -39.69 -15.41
C4 MYR F . 9.95 -40.22 -16.62
C5 MYR F . 11.45 -40.06 -16.41
C6 MYR F . 12.24 -41.07 -17.22
C7 MYR F . 13.73 -40.94 -16.96
C8 MYR F . 14.37 -39.86 -17.83
C9 MYR F . 15.73 -39.44 -17.32
C10 MYR F . 15.61 -38.35 -16.26
C11 MYR F . 16.96 -37.92 -15.69
C12 MYR F . 17.32 -38.61 -14.38
C13 MYR F . 16.45 -38.14 -13.21
C14 MYR F . 17.12 -38.34 -11.86
H21 MYR F . 7.16 -39.48 -14.77
H22 MYR F . 7.34 -40.27 -16.33
H31 MYR F . 9.29 -40.39 -14.58
H32 MYR F . 9.64 -38.75 -15.11
H41 MYR F . 9.65 -39.68 -17.51
H42 MYR F . 9.71 -41.27 -16.77
H51 MYR F . 11.73 -39.06 -16.69
H52 MYR F . 11.67 -40.19 -15.34
H61 MYR F . 11.91 -42.08 -16.97
H62 MYR F . 12.03 -40.92 -18.28
H71 MYR F . 14.21 -41.89 -17.17
H72 MYR F . 13.90 -40.71 -15.91
H81 MYR F . 13.71 -38.99 -17.87
H82 MYR F . 14.46 -40.23 -18.86
H91 MYR F . 16.32 -39.05 -18.16
H92 MYR F . 16.25 -40.31 -16.91
H101 MYR F . 14.96 -38.72 -15.47
H102 MYR F . 15.13 -37.49 -16.70
H111 MYR F . 16.95 -36.84 -15.55
H112 MYR F . 17.73 -38.14 -16.43
H121 MYR F . 18.37 -38.41 -14.16
H122 MYR F . 17.21 -39.69 -14.49
H131 MYR F . 15.52 -38.69 -13.21
H132 MYR F . 16.22 -37.08 -13.33
H141 MYR F . 17.98 -39.00 -11.96
H142 MYR F . 16.40 -38.77 -11.16
H143 MYR F . 17.45 -37.37 -11.48
#